data_2BFC
#
_entry.id   2BFC
#
_cell.length_a   145.341
_cell.length_b   145.341
_cell.length_c   69.185
_cell.angle_alpha   90.00
_cell.angle_beta   90.00
_cell.angle_gamma   120.00
#
_symmetry.space_group_name_H-M   'P 31 2 1'
#
loop_
_entity.id
_entity.type
_entity.pdbx_description
1 polymer '2-OXOISOVALERATE DEHYDROGENASE ALPHA SUBUNIT'
2 polymer '2-OXOISOVALERATE DEHYDROGENASE BETA SUBUNIT'
3 non-polymer 'POTASSIUM ION'
4 non-polymer 'MANGANESE (II) ION'
5 non-polymer '2-{3-[(4-AMINO-2-METHYLPYRIMIDIN-5-YL)METHYL]-4-METHYL-2-OXO-2,3-DIHYDRO-1,3-THIAZOL-5-YL}ETHYL TRIHYDROGEN DIPHOSPHATE'
6 non-polymer GLYCEROL
7 water water
#
loop_
_entity_poly.entity_id
_entity_poly.type
_entity_poly.pdbx_seq_one_letter_code
_entity_poly.pdbx_strand_id
1 'polypeptide(L)'
;SSLDDKPQFPGASAEFIDKLEFIQPNVISGIPIYRVMDRQGQIINPSEDPHLPKEKVLKLYKSMTLLNTMDRILYESQRQ
GRISFYMTNYGEEGTHVGSAAALDNTDLVFGQFREAGVLMYRDYPLELFMAQCYGNISDLGKGRQMPVHYGCKERHFVTI
SSPLATQIPQAVGAAYAAKRANANRVVICYFGEGAASEGDAHAGFNFAATLECPIIFFCRNNGYAISTPTSEQYRGDGIA
ARGPGYGIMSIRVDGNDVFAVYNATKEARRRAVAENQPFLIEAMTYRIGHASTSDDSSAFRSVDEVNYWDKQDHPISRLR
HYLLSQGWWDEEQEKAWRKQSRRKVMEAFEQAERKPKPNPNLLFSDVYQEMPAQLRKQQESLARHLQTYGEHYPLDHFDK
;
A
2 'polypeptide(L)'
;VAHFTFQPDPEPREYGQTQKMNLFQSVTSALDNSLAKDPTAVIFGEDVAFGGVFRCTVGLRDKYGKDRVFNTPLCEQGIV
GFGIGIAVTGATAIAEIQFADYIFPAFDQIVNEAAKYRYRSGDLFNCGSLTIRSPWGCVGHGALYHSQSPEAFFAHCPGI
KVVIPRSPFQAKGLLLSCIEDKNPCIFFEPKILYRAAAEEVPIEPYNIPLSQAEVIQEGSDVTLVAWGTQVHVIREVASM
AKEKLGVSCEVIDLRTIIPWDVDTICKSVIKTGRLLISHEAPLTGGFASEISSTVQEECFLNLEAPISRVCGYDTPFPHI
FEPFYIPDKWKCYDALRKMINY
;
B
#
loop_
_chem_comp.id
_chem_comp.type
_chem_comp.name
_chem_comp.formula
GOL non-polymer GLYCEROL 'C3 H8 O3'
K non-polymer 'POTASSIUM ION' 'K 1'
MN non-polymer 'MANGANESE (II) ION' 'Mn 2'
TZD non-polymer '2-{3-[(4-AMINO-2-METHYLPYRIMIDIN-5-YL)METHYL]-4-METHYL-2-OXO-2,3-DIHYDRO-1,3-THIAZOL-5-YL}ETHYL TRIHYDROGEN DIPHOSPHATE' 'C12 H18 N4 O8 P2 S'
#
# COMPACT_ATOMS: atom_id res chain seq x y z
N LYS A 6 39.08 20.90 -5.73
CA LYS A 6 39.81 21.00 -4.43
C LYS A 6 39.00 20.58 -3.18
N PRO A 7 37.68 20.86 -3.08
CA PRO A 7 36.90 20.29 -1.98
C PRO A 7 36.89 18.78 -2.07
N GLN A 8 36.90 18.12 -0.93
CA GLN A 8 36.98 16.68 -0.93
C GLN A 8 35.88 16.04 -0.11
N PHE A 9 34.65 16.53 -0.29
CA PHE A 9 33.52 16.05 0.49
C PHE A 9 32.70 15.09 -0.32
N PRO A 10 32.43 13.92 0.26
CA PRO A 10 31.70 12.87 -0.44
C PRO A 10 30.29 13.28 -0.81
N GLY A 11 29.68 14.19 -0.03
CA GLY A 11 28.26 14.49 -0.22
C GLY A 11 27.91 15.31 -1.49
N ALA A 12 28.89 16.05 -2.02
CA ALA A 12 28.64 16.88 -3.20
C ALA A 12 29.91 17.07 -3.97
N SER A 13 29.76 17.39 -5.25
CA SER A 13 30.87 17.66 -6.18
C SER A 13 30.79 19.16 -6.51
N ALA A 14 31.78 19.96 -6.07
CA ALA A 14 31.69 21.39 -6.25
C ALA A 14 33.04 22.04 -6.05
N GLU A 15 33.16 23.29 -6.44
CA GLU A 15 34.38 24.03 -6.20
C GLU A 15 34.20 24.77 -4.91
N PHE A 16 35.26 25.38 -4.40
CA PHE A 16 35.09 26.40 -3.32
C PHE A 16 34.63 27.73 -3.88
N ILE A 17 34.02 28.57 -3.04
CA ILE A 17 33.80 29.98 -3.44
C ILE A 17 34.24 30.82 -2.26
N ASP A 18 34.89 31.95 -2.54
CA ASP A 18 35.40 32.76 -1.41
C ASP A 18 34.55 33.96 -1.03
N LYS A 19 33.32 34.05 -1.54
CA LYS A 19 32.39 35.13 -1.20
C LYS A 19 31.03 34.54 -0.82
N LEU A 20 30.41 35.12 0.19
CA LEU A 20 29.12 34.63 0.65
C LEU A 20 28.04 35.08 -0.32
N GLU A 21 27.32 34.11 -0.87
CA GLU A 21 26.27 34.36 -1.88
C GLU A 21 25.19 33.35 -1.68
N PHE A 22 24.02 33.78 -1.26
CA PHE A 22 22.91 32.86 -1.20
C PHE A 22 22.38 32.61 -2.62
N ILE A 23 21.90 31.40 -2.89
CA ILE A 23 21.29 31.05 -4.17
C ILE A 23 19.83 31.41 -4.08
N GLN A 24 19.41 32.23 -5.06
CA GLN A 24 18.06 32.74 -5.22
C GLN A 24 17.27 31.84 -6.22
N PRO A 25 16.06 31.47 -5.85
CA PRO A 25 15.18 30.71 -6.73
C PRO A 25 14.75 31.62 -7.87
N ASN A 26 14.65 31.11 -9.10
CA ASN A 26 14.08 31.96 -10.17
C ASN A 26 12.63 31.58 -10.41
N VAL A 27 11.73 32.36 -9.84
CA VAL A 27 10.33 31.98 -9.93
C VAL A 27 9.55 32.85 -10.90
N ILE A 28 9.96 34.12 -11.07
CA ILE A 28 9.28 35.04 -11.99
C ILE A 28 9.49 34.63 -13.45
N SER A 29 10.67 34.09 -13.72
CA SER A 29 11.03 33.62 -15.02
C SER A 29 11.31 32.15 -14.87
N GLY A 30 10.24 31.37 -14.74
CA GLY A 30 10.41 29.98 -14.44
C GLY A 30 10.73 29.16 -15.69
N ILE A 31 10.66 27.87 -15.46
CA ILE A 31 10.94 26.89 -16.53
C ILE A 31 9.88 27.13 -17.61
N PRO A 32 10.32 27.30 -18.86
CA PRO A 32 9.35 27.67 -19.85
C PRO A 32 8.37 26.50 -20.16
N ILE A 33 7.28 26.88 -20.82
CA ILE A 33 6.15 25.99 -21.08
C ILE A 33 6.20 25.53 -22.52
N TYR A 34 6.49 24.25 -22.72
CA TYR A 34 6.62 23.71 -24.11
C TYR A 34 5.28 23.64 -24.81
N ARG A 35 5.21 24.16 -26.03
CA ARG A 35 3.94 24.21 -26.78
C ARG A 35 4.32 23.85 -28.24
N VAL A 36 3.42 23.09 -28.89
CA VAL A 36 3.60 22.64 -30.30
C VAL A 36 2.59 23.37 -31.18
N MET A 37 1.34 23.52 -30.71
CA MET A 37 0.37 24.23 -31.55
C MET A 37 -0.19 25.40 -30.80
N ASP A 38 -0.43 26.48 -31.50
CA ASP A 38 -1.05 27.63 -30.87
C ASP A 38 -2.55 27.43 -30.65
N ARG A 39 -3.21 28.46 -30.09
CA ARG A 39 -4.65 28.40 -29.78
C ARG A 39 -5.51 28.22 -31.00
N GLN A 40 -4.99 28.60 -32.17
CA GLN A 40 -5.68 28.35 -33.46
C GLN A 40 -5.40 26.99 -34.07
N GLY A 41 -4.77 26.11 -33.29
CA GLY A 41 -4.42 24.80 -33.82
C GLY A 41 -3.33 24.78 -34.86
N GLN A 42 -2.51 25.84 -34.95
CA GLN A 42 -1.44 25.88 -35.93
C GLN A 42 -0.11 25.36 -35.37
N ILE A 43 0.61 24.57 -36.17
CA ILE A 43 1.94 24.13 -35.72
C ILE A 43 2.90 25.30 -35.72
N ILE A 44 3.53 25.53 -34.58
CA ILE A 44 4.41 26.67 -34.41
C ILE A 44 5.81 26.42 -34.95
N ASN A 45 6.36 25.23 -34.73
CA ASN A 45 7.73 24.94 -35.13
C ASN A 45 7.72 23.57 -35.83
N PRO A 46 7.75 23.54 -37.16
CA PRO A 46 7.61 22.28 -37.89
C PRO A 46 8.53 21.16 -37.46
N SER A 47 9.74 21.46 -36.99
CA SER A 47 10.61 20.40 -36.54
C SER A 47 10.10 19.59 -35.35
N GLU A 48 9.12 20.16 -34.59
CA GLU A 48 8.49 19.54 -33.43
C GLU A 48 7.15 18.85 -33.74
N ASP A 49 6.70 18.92 -34.98
CA ASP A 49 5.42 18.29 -35.29
C ASP A 49 5.59 16.78 -35.27
N PRO A 50 4.81 16.02 -34.49
CA PRO A 50 4.99 14.56 -34.45
C PRO A 50 4.43 13.86 -35.70
N HIS A 51 3.70 14.63 -36.50
CA HIS A 51 3.04 14.09 -37.72
C HIS A 51 2.33 12.78 -37.42
N LEU A 52 1.48 12.80 -36.40
CA LEU A 52 0.68 11.59 -36.08
C LEU A 52 -0.31 11.42 -37.25
N PRO A 53 -0.60 10.17 -37.58
CA PRO A 53 -1.50 9.87 -38.68
C PRO A 53 -2.92 10.20 -38.33
N LYS A 54 -3.74 10.37 -39.36
CA LYS A 54 -5.11 10.84 -39.21
C LYS A 54 -5.92 9.95 -38.24
N GLU A 55 -5.85 8.62 -38.39
CA GLU A 55 -6.69 7.75 -37.59
C GLU A 55 -6.34 7.89 -36.10
N LYS A 56 -5.05 8.05 -35.80
CA LYS A 56 -4.61 8.24 -34.39
C LYS A 56 -5.09 9.61 -33.86
N VAL A 57 -4.98 10.65 -34.66
CA VAL A 57 -5.41 11.95 -34.15
C VAL A 57 -6.91 12.04 -33.99
N LEU A 58 -7.68 11.40 -34.88
CA LEU A 58 -9.14 11.33 -34.69
C LEU A 58 -9.43 10.54 -33.41
N LYS A 59 -8.66 9.48 -33.15
CA LYS A 59 -8.86 8.78 -31.85
C LYS A 59 -8.59 9.68 -30.63
N LEU A 60 -7.58 10.54 -30.71
CA LEU A 60 -7.33 11.46 -29.58
C LEU A 60 -8.57 12.35 -29.42
N TYR A 61 -9.08 12.88 -30.53
CA TYR A 61 -10.20 13.83 -30.46
C TYR A 61 -11.45 13.10 -29.95
N LYS A 62 -11.73 11.93 -30.51
CA LYS A 62 -12.95 11.21 -30.08
C LYS A 62 -12.89 10.72 -28.63
N SER A 63 -11.70 10.34 -28.15
CA SER A 63 -11.58 9.90 -26.76
C SER A 63 -11.85 11.12 -25.86
N MET A 64 -11.30 12.29 -26.21
N MET A 64 -11.33 12.28 -26.26
CA MET A 64 -11.50 13.45 -25.31
CA MET A 64 -11.45 13.45 -25.39
C MET A 64 -12.97 13.84 -25.25
C MET A 64 -12.88 13.96 -25.30
N THR A 65 -13.61 13.87 -26.42
CA THR A 65 -14.95 14.37 -26.47
C THR A 65 -15.89 13.35 -25.85
N LEU A 66 -15.66 12.03 -26.07
CA LEU A 66 -16.52 11.03 -25.43
C LEU A 66 -16.39 11.15 -23.91
N LEU A 67 -15.18 11.41 -23.43
CA LEU A 67 -14.97 11.61 -22.00
C LEU A 67 -15.76 12.81 -21.53
N ASN A 68 -15.72 13.89 -22.30
CA ASN A 68 -16.47 15.06 -21.94
C ASN A 68 -18.00 14.84 -21.90
N THR A 69 -18.51 14.10 -22.88
CA THR A 69 -19.94 13.71 -22.92
C THR A 69 -20.27 12.89 -21.70
N MET A 70 -19.42 11.91 -21.36
CA MET A 70 -19.67 11.11 -20.16
C MET A 70 -19.67 11.95 -18.88
N ASP A 71 -18.71 12.88 -18.77
CA ASP A 71 -18.67 13.79 -17.60
C ASP A 71 -19.95 14.59 -17.43
N ARG A 72 -20.49 15.11 -18.54
CA ARG A 72 -21.71 15.94 -18.44
C ARG A 72 -22.85 15.15 -17.85
N ILE A 73 -23.01 13.91 -18.34
CA ILE A 73 -24.10 13.08 -17.91
C ILE A 73 -23.94 12.58 -16.45
N LEU A 74 -22.74 12.14 -16.10
CA LEU A 74 -22.52 11.64 -14.74
C LEU A 74 -22.50 12.79 -13.73
N TYR A 75 -22.02 13.97 -14.13
CA TYR A 75 -22.09 15.12 -13.22
C TYR A 75 -23.57 15.45 -12.90
N GLU A 76 -24.42 15.50 -13.91
CA GLU A 76 -25.88 15.64 -13.65
C GLU A 76 -26.45 14.50 -12.79
N SER A 77 -26.01 13.28 -13.04
CA SER A 77 -26.49 12.17 -12.25
C SER A 77 -26.16 12.35 -10.78
N GLN A 78 -25.00 12.92 -10.51
CA GLN A 78 -24.54 13.15 -9.15
C GLN A 78 -25.39 14.29 -8.57
N ARG A 79 -25.69 15.31 -9.37
CA ARG A 79 -26.47 16.45 -8.81
C ARG A 79 -27.85 15.94 -8.38
N GLN A 80 -28.34 14.89 -9.01
CA GLN A 80 -29.62 14.31 -8.63
C GLN A 80 -29.56 13.25 -7.53
N GLY A 81 -28.39 12.89 -7.07
CA GLY A 81 -28.27 11.82 -6.05
C GLY A 81 -28.45 10.43 -6.61
N ARG A 82 -28.38 10.29 -7.95
CA ARG A 82 -28.43 8.97 -8.59
C ARG A 82 -27.16 8.19 -8.39
N ILE A 83 -26.03 8.93 -8.39
CA ILE A 83 -24.80 8.38 -7.88
C ILE A 83 -24.34 9.30 -6.75
N SER A 84 -23.47 8.79 -5.87
CA SER A 84 -23.15 9.54 -4.66
C SER A 84 -22.05 10.58 -4.79
N PHE A 85 -21.25 10.52 -5.85
CA PHE A 85 -20.04 11.35 -5.92
C PHE A 85 -19.59 11.32 -7.38
N TYR A 86 -18.89 12.37 -7.82
CA TYR A 86 -18.31 12.34 -9.17
C TYR A 86 -17.21 13.36 -9.26
N MET A 87 -16.17 13.07 -10.05
N MET A 87 -16.22 13.11 -10.10
CA MET A 87 -15.08 14.00 -10.34
CA MET A 87 -15.19 14.09 -10.33
C MET A 87 -15.05 14.13 -11.85
C MET A 87 -15.02 14.14 -11.83
N THR A 88 -15.09 15.36 -12.38
CA THR A 88 -14.96 15.54 -13.85
C THR A 88 -13.53 15.63 -14.30
N ASN A 89 -13.40 15.60 -15.62
CA ASN A 89 -12.13 15.66 -16.29
C ASN A 89 -11.93 16.95 -17.07
N TYR A 90 -12.77 17.95 -16.83
CA TYR A 90 -12.69 19.15 -17.63
C TYR A 90 -11.35 19.83 -17.48
N GLY A 91 -10.78 20.18 -18.62
CA GLY A 91 -9.45 20.77 -18.64
C GLY A 91 -8.34 19.74 -18.65
N GLU A 92 -8.67 18.48 -18.39
CA GLU A 92 -7.64 17.45 -18.31
C GLU A 92 -7.77 16.42 -19.40
N GLU A 93 -8.62 16.71 -20.40
CA GLU A 93 -8.78 15.70 -21.41
C GLU A 93 -7.54 15.59 -22.27
N GLY A 94 -6.85 16.70 -22.52
CA GLY A 94 -5.65 16.61 -23.40
C GLY A 94 -4.43 16.06 -22.70
N THR A 95 -4.21 16.43 -21.43
CA THR A 95 -3.07 15.84 -20.70
C THR A 95 -3.18 14.35 -20.65
N HIS A 96 -4.40 13.80 -20.53
CA HIS A 96 -4.54 12.37 -20.36
C HIS A 96 -4.62 11.58 -21.61
N VAL A 97 -5.38 12.06 -22.59
N VAL A 97 -5.39 12.05 -22.61
CA VAL A 97 -5.38 11.35 -23.85
CA VAL A 97 -5.37 11.34 -23.91
C VAL A 97 -4.04 11.48 -24.58
C VAL A 97 -4.04 11.47 -24.62
N GLY A 98 -3.42 12.65 -24.52
CA GLY A 98 -2.14 12.91 -25.24
C GLY A 98 -1.01 12.05 -24.67
N SER A 99 -0.95 11.94 -23.34
CA SER A 99 0.09 11.11 -22.71
C SER A 99 -0.22 9.65 -22.86
N ALA A 100 -1.50 9.26 -22.78
CA ALA A 100 -1.80 7.85 -22.94
C ALA A 100 -1.42 7.34 -24.35
N ALA A 101 -1.63 8.20 -25.33
CA ALA A 101 -1.28 7.84 -26.70
C ALA A 101 0.20 7.60 -26.93
N ALA A 102 1.05 8.13 -26.05
CA ALA A 102 2.51 8.01 -26.19
C ALA A 102 3.03 6.79 -25.46
N LEU A 103 2.15 6.13 -24.71
CA LEU A 103 2.58 4.95 -23.95
C LEU A 103 2.37 3.68 -24.75
N ASP A 104 3.08 2.64 -24.37
N ASP A 104 3.06 2.64 -24.32
CA ASP A 104 2.74 1.29 -24.88
CA ASP A 104 2.69 1.28 -24.75
C ASP A 104 1.52 0.80 -24.09
C ASP A 104 1.41 0.87 -24.07
N ASN A 105 0.65 0.01 -24.74
CA ASN A 105 -0.59 -0.42 -24.15
C ASN A 105 -0.41 -1.15 -22.82
N THR A 106 0.75 -1.75 -22.65
CA THR A 106 1.00 -2.50 -21.42
C THR A 106 1.82 -1.74 -20.41
N ASP A 107 2.11 -0.48 -20.66
CA ASP A 107 2.82 0.28 -19.62
C ASP A 107 1.81 0.48 -18.48
N LEU A 108 2.31 0.38 -17.24
CA LEU A 108 1.41 0.37 -16.07
C LEU A 108 1.16 1.77 -15.65
N VAL A 109 -0.10 2.10 -15.35
CA VAL A 109 -0.51 3.48 -14.95
C VAL A 109 -0.99 3.49 -13.51
N PHE A 110 -0.46 4.46 -12.74
CA PHE A 110 -1.00 4.85 -11.46
C PHE A 110 -1.50 6.26 -11.58
N GLY A 111 -2.58 6.55 -10.84
CA GLY A 111 -3.13 7.91 -10.88
C GLY A 111 -4.02 8.24 -9.71
N GLN A 112 -4.92 9.18 -9.93
CA GLN A 112 -5.86 9.64 -8.86
C GLN A 112 -7.20 9.90 -9.53
N PHE A 113 -7.72 11.11 -9.47
CA PHE A 113 -9.12 11.34 -9.85
C PHE A 113 -9.29 12.00 -11.19
N ARG A 114 -8.19 12.29 -11.90
CA ARG A 114 -8.32 12.99 -13.18
C ARG A 114 -7.85 12.17 -14.38
N GLU A 115 -7.83 10.84 -14.21
CA GLU A 115 -7.13 9.95 -15.17
C GLU A 115 -8.07 9.05 -15.96
N ALA A 116 -9.37 9.28 -15.85
CA ALA A 116 -10.34 8.46 -16.62
C ALA A 116 -10.03 8.57 -18.12
N GLY A 117 -9.45 9.67 -18.59
CA GLY A 117 -9.12 9.73 -20.05
C GLY A 117 -8.07 8.73 -20.47
N VAL A 118 -7.18 8.35 -19.58
CA VAL A 118 -6.25 7.22 -19.93
C VAL A 118 -7.00 5.93 -20.18
N LEU A 119 -7.95 5.61 -19.31
CA LEU A 119 -8.80 4.42 -19.50
C LEU A 119 -9.61 4.53 -20.83
N MET A 120 -10.15 5.73 -21.07
CA MET A 120 -10.97 5.92 -22.28
C MET A 120 -10.09 5.73 -23.53
N TYR A 121 -8.88 6.29 -23.53
CA TYR A 121 -7.99 6.00 -24.68
C TYR A 121 -7.70 4.51 -24.86
N ARG A 122 -7.57 3.81 -23.71
CA ARG A 122 -7.36 2.35 -23.68
C ARG A 122 -8.62 1.48 -23.88
N ASP A 123 -9.69 2.15 -24.32
CA ASP A 123 -10.92 1.49 -24.75
C ASP A 123 -11.64 0.79 -23.62
N TYR A 124 -11.54 1.40 -22.43
CA TYR A 124 -12.32 0.90 -21.30
C TYR A 124 -13.80 1.10 -21.60
N PRO A 125 -14.62 0.05 -21.48
CA PRO A 125 -16.02 0.16 -21.87
C PRO A 125 -16.79 1.17 -21.00
N LEU A 126 -17.67 1.92 -21.65
CA LEU A 126 -18.54 2.84 -20.93
C LEU A 126 -19.36 2.11 -19.86
N GLU A 127 -19.78 0.88 -20.12
CA GLU A 127 -20.46 0.07 -19.14
C GLU A 127 -19.68 -0.10 -17.85
N LEU A 128 -18.35 -0.16 -17.95
CA LEU A 128 -17.56 -0.43 -16.74
C LEU A 128 -17.28 0.88 -15.98
N PHE A 129 -17.12 2.02 -16.69
CA PHE A 129 -17.05 3.23 -15.93
C PHE A 129 -18.33 3.42 -15.13
N MET A 130 -19.46 3.16 -15.78
N MET A 130 -19.48 3.15 -15.73
CA MET A 130 -20.79 3.32 -15.17
CA MET A 130 -20.75 3.41 -15.01
C MET A 130 -20.92 2.35 -14.00
C MET A 130 -21.04 2.31 -13.99
N ALA A 131 -20.52 1.10 -14.22
CA ALA A 131 -20.68 0.02 -13.20
C ALA A 131 -20.00 0.39 -11.92
N GLN A 132 -18.82 1.01 -12.03
CA GLN A 132 -18.11 1.39 -10.79
C GLN A 132 -18.84 2.55 -10.09
N CYS A 133 -19.24 3.56 -10.85
CA CYS A 133 -19.96 4.67 -10.22
C CYS A 133 -21.25 4.24 -9.54
N TYR A 134 -21.94 3.26 -10.12
CA TYR A 134 -23.21 2.76 -9.52
C TYR A 134 -23.00 1.63 -8.55
N GLY A 135 -21.79 1.08 -8.54
CA GLY A 135 -21.48 -0.07 -7.64
C GLY A 135 -22.39 -1.25 -7.99
N ASN A 136 -22.65 -1.49 -9.27
CA ASN A 136 -23.59 -2.57 -9.66
C ASN A 136 -22.87 -3.92 -9.88
N ILE A 137 -23.65 -4.95 -10.28
CA ILE A 137 -23.10 -6.32 -10.34
C ILE A 137 -22.01 -6.47 -11.38
N SER A 138 -21.94 -5.53 -12.33
CA SER A 138 -20.93 -5.61 -13.39
C SER A 138 -19.58 -5.02 -12.96
N ASP A 139 -19.55 -4.29 -11.82
CA ASP A 139 -18.33 -3.67 -11.37
C ASP A 139 -17.30 -4.72 -10.91
N LEU A 140 -16.15 -4.76 -11.55
CA LEU A 140 -15.17 -5.72 -11.03
C LEU A 140 -14.57 -5.38 -9.71
N GLY A 141 -14.73 -4.11 -9.29
CA GLY A 141 -14.39 -3.67 -7.93
C GLY A 141 -15.46 -4.08 -6.91
N LYS A 142 -16.53 -4.76 -7.35
CA LYS A 142 -17.51 -5.35 -6.45
C LYS A 142 -18.26 -4.31 -5.65
N GLY A 143 -18.35 -3.09 -6.20
CA GLY A 143 -19.11 -2.02 -5.49
C GLY A 143 -18.50 -1.51 -4.18
N ARG A 144 -17.23 -1.76 -3.93
CA ARG A 144 -16.69 -1.52 -2.57
C ARG A 144 -16.20 -0.09 -2.43
N GLN A 145 -15.77 0.56 -3.51
CA GLN A 145 -15.21 1.95 -3.41
C GLN A 145 -16.18 3.02 -3.86
N MET A 146 -15.89 4.25 -3.45
N MET A 146 -15.98 4.26 -3.40
N MET A 146 -15.91 4.26 -3.46
CA MET A 146 -16.62 5.44 -3.89
CA MET A 146 -16.86 5.35 -3.85
CA MET A 146 -16.72 5.39 -3.91
C MET A 146 -16.58 5.54 -5.42
C MET A 146 -16.61 5.56 -5.38
C MET A 146 -16.61 5.51 -5.43
N PRO A 147 -17.56 6.20 -6.05
CA PRO A 147 -17.51 6.39 -7.49
C PRO A 147 -16.20 7.01 -7.96
N VAL A 148 -15.85 6.74 -9.22
N VAL A 148 -15.88 6.79 -9.25
CA VAL A 148 -14.68 7.28 -9.90
CA VAL A 148 -14.67 7.22 -9.98
C VAL A 148 -13.36 6.73 -9.34
C VAL A 148 -13.34 6.62 -9.46
N HIS A 149 -13.45 5.64 -8.58
CA HIS A 149 -12.24 4.93 -8.06
C HIS A 149 -12.05 3.75 -8.98
N TYR A 150 -11.66 4.07 -10.21
CA TYR A 150 -11.58 3.06 -11.27
C TYR A 150 -10.33 2.20 -11.19
N GLY A 151 -10.39 1.02 -11.81
CA GLY A 151 -9.19 0.19 -11.93
C GLY A 151 -9.46 -0.83 -13.03
N CYS A 152 -8.39 -1.30 -13.69
CA CYS A 152 -8.57 -2.33 -14.73
C CYS A 152 -7.28 -3.08 -14.83
N LYS A 153 -7.29 -4.37 -14.49
CA LYS A 153 -6.09 -5.14 -14.62
C LYS A 153 -5.77 -5.39 -16.11
N GLU A 154 -6.79 -5.67 -16.93
N GLU A 154 -6.81 -5.68 -16.92
CA GLU A 154 -6.52 -5.95 -18.34
CA GLU A 154 -6.59 -5.98 -18.33
C GLU A 154 -5.76 -4.79 -19.02
C GLU A 154 -5.95 -4.81 -19.12
N ARG A 155 -6.18 -3.58 -18.65
CA ARG A 155 -5.65 -2.37 -19.30
C ARG A 155 -4.58 -1.71 -18.44
N HIS A 156 -4.07 -2.43 -17.44
CA HIS A 156 -2.84 -2.01 -16.73
C HIS A 156 -3.02 -0.64 -16.14
N PHE A 157 -4.14 -0.50 -15.41
CA PHE A 157 -4.46 0.80 -14.81
C PHE A 157 -4.79 0.48 -13.35
N VAL A 158 -3.85 0.83 -12.45
CA VAL A 158 -3.99 0.36 -11.07
C VAL A 158 -5.08 1.10 -10.33
N THR A 159 -5.91 0.32 -9.62
CA THR A 159 -7.07 0.89 -8.92
C THR A 159 -6.74 2.14 -8.12
N ILE A 160 -7.58 3.15 -8.34
N ILE A 160 -7.54 3.16 -8.35
CA ILE A 160 -7.52 4.44 -7.62
CA ILE A 160 -7.36 4.45 -7.62
C ILE A 160 -7.80 4.29 -6.13
C ILE A 160 -7.78 4.33 -6.17
N SER A 161 -7.07 5.03 -5.30
CA SER A 161 -7.46 5.14 -3.89
C SER A 161 -7.58 6.61 -3.51
N SER A 162 -8.44 6.89 -2.53
CA SER A 162 -8.66 8.31 -2.17
C SER A 162 -7.46 9.02 -1.54
N PRO A 163 -6.71 8.40 -0.67
CA PRO A 163 -5.58 9.17 -0.06
C PRO A 163 -4.57 9.67 -1.08
N LEU A 164 -4.36 10.99 -1.15
CA LEU A 164 -3.54 11.52 -2.22
C LEU A 164 -2.09 11.14 -2.03
N ALA A 165 -1.45 11.00 -3.19
CA ALA A 165 -0.01 10.79 -3.36
C ALA A 165 0.46 9.43 -2.92
N THR A 166 -0.41 8.60 -2.33
CA THR A 166 0.08 7.28 -1.92
C THR A 166 0.59 6.45 -3.10
N GLN A 167 0.05 6.65 -4.31
CA GLN A 167 0.42 5.90 -5.45
C GLN A 167 1.78 6.25 -5.97
N ILE A 168 2.38 7.38 -5.49
CA ILE A 168 3.67 7.84 -6.05
C ILE A 168 4.81 6.88 -5.69
N PRO A 169 5.09 6.58 -4.41
CA PRO A 169 6.18 5.59 -4.14
C PRO A 169 5.85 4.22 -4.59
N GLN A 170 4.55 3.89 -4.64
CA GLN A 170 4.15 2.60 -5.19
C GLN A 170 4.48 2.46 -6.66
N ALA A 171 4.20 3.49 -7.44
CA ALA A 171 4.59 3.44 -8.86
C ALA A 171 6.07 3.23 -9.02
N VAL A 172 6.88 3.84 -8.11
CA VAL A 172 8.35 3.69 -8.24
C VAL A 172 8.72 2.22 -7.95
N GLY A 173 8.07 1.59 -6.96
CA GLY A 173 8.36 0.15 -6.72
C GLY A 173 7.96 -0.72 -7.90
N ALA A 174 6.83 -0.42 -8.52
CA ALA A 174 6.46 -1.19 -9.69
C ALA A 174 7.45 -0.98 -10.86
N ALA A 175 8.01 0.23 -10.95
CA ALA A 175 8.98 0.44 -12.00
C ALA A 175 10.31 -0.27 -11.70
N TYR A 176 10.72 -0.32 -10.43
CA TYR A 176 11.94 -1.07 -10.07
C TYR A 176 11.75 -2.54 -10.45
N ALA A 177 10.56 -3.06 -10.19
CA ALA A 177 10.31 -4.47 -10.43
C ALA A 177 10.29 -4.68 -11.94
N ALA A 178 9.76 -3.71 -12.69
CA ALA A 178 9.80 -3.82 -14.15
C ALA A 178 11.22 -3.85 -14.68
N LYS A 179 12.09 -3.03 -14.10
CA LYS A 179 13.48 -2.99 -14.53
C LYS A 179 14.08 -4.36 -14.32
N ARG A 180 13.79 -4.96 -13.17
CA ARG A 180 14.38 -6.29 -12.90
C ARG A 180 13.87 -7.34 -13.81
N ALA A 181 12.61 -7.25 -14.18
CA ALA A 181 11.97 -8.23 -15.03
C ALA A 181 12.45 -8.10 -16.47
N ASN A 182 13.21 -7.06 -16.74
CA ASN A 182 13.47 -6.73 -18.13
C ASN A 182 12.15 -6.54 -18.85
N ALA A 183 12.10 -6.77 -20.15
CA ALA A 183 10.83 -6.61 -20.89
C ALA A 183 10.32 -5.17 -21.10
N ASN A 184 11.15 -4.18 -20.82
CA ASN A 184 11.07 -2.91 -21.50
C ASN A 184 9.66 -2.26 -21.41
N ARG A 185 9.28 -1.99 -20.18
CA ARG A 185 8.01 -1.37 -19.87
C ARG A 185 8.36 -0.16 -19.01
N VAL A 186 7.54 0.89 -19.11
N VAL A 186 7.51 0.86 -19.06
CA VAL A 186 7.63 2.07 -18.25
CA VAL A 186 7.68 2.07 -18.23
C VAL A 186 6.48 2.00 -17.29
C VAL A 186 6.42 2.17 -17.40
N VAL A 187 6.56 2.74 -16.19
CA VAL A 187 5.38 3.07 -15.35
C VAL A 187 5.18 4.56 -15.47
N ILE A 188 3.91 4.98 -15.53
CA ILE A 188 3.59 6.42 -15.43
C ILE A 188 2.75 6.61 -14.19
N CYS A 189 2.99 7.74 -13.56
CA CYS A 189 2.31 8.06 -12.30
C CYS A 189 1.80 9.49 -12.38
N TYR A 190 0.46 9.64 -12.35
CA TYR A 190 -0.15 10.97 -12.40
C TYR A 190 -0.58 11.46 -11.02
N PHE A 191 -0.46 12.79 -10.84
CA PHE A 191 -0.90 13.41 -9.57
C PHE A 191 -0.98 14.92 -9.83
N GLY A 192 -1.74 15.61 -8.97
CA GLY A 192 -1.90 17.03 -9.09
C GLY A 192 -0.87 17.76 -8.26
N GLU A 193 -0.87 19.09 -8.41
CA GLU A 193 0.15 19.86 -7.77
C GLU A 193 -0.07 19.94 -6.29
N GLY A 194 -1.34 19.83 -5.87
CA GLY A 194 -1.63 19.74 -4.42
C GLY A 194 -1.07 18.46 -3.82
N ALA A 195 -1.36 17.32 -4.47
CA ALA A 195 -0.79 16.06 -4.00
C ALA A 195 0.72 16.06 -3.93
N ALA A 196 1.38 16.90 -4.74
CA ALA A 196 2.83 16.87 -4.69
C ALA A 196 3.36 17.42 -3.38
N SER A 197 2.51 18.08 -2.58
CA SER A 197 2.97 18.55 -1.29
C SER A 197 3.07 17.44 -0.25
N GLU A 198 2.48 16.26 -0.57
CA GLU A 198 2.51 15.19 0.44
C GLU A 198 3.92 14.64 0.62
N GLY A 199 4.20 14.13 1.82
CA GLY A 199 5.51 13.47 2.07
C GLY A 199 5.81 12.34 1.09
N ASP A 200 4.76 11.62 0.70
CA ASP A 200 4.97 10.48 -0.24
C ASP A 200 5.47 10.90 -1.60
N ALA A 201 5.28 12.17 -1.98
CA ALA A 201 5.86 12.59 -3.26
C ALA A 201 7.36 12.73 -3.11
N HIS A 202 7.83 13.26 -1.97
CA HIS A 202 9.27 13.39 -1.77
C HIS A 202 9.88 11.99 -1.72
N ALA A 203 9.18 11.06 -1.03
CA ALA A 203 9.65 9.67 -1.02
C ALA A 203 9.76 9.15 -2.45
N GLY A 204 8.68 9.22 -3.27
CA GLY A 204 8.74 8.63 -4.62
C GLY A 204 9.78 9.25 -5.53
N PHE A 205 9.83 10.57 -5.48
N PHE A 205 9.84 10.59 -5.55
CA PHE A 205 10.77 11.26 -6.33
CA PHE A 205 10.84 11.20 -6.45
C PHE A 205 12.24 10.87 -6.04
C PHE A 205 12.23 10.70 -6.05
N ASN A 206 12.58 10.75 -4.75
CA ASN A 206 13.98 10.46 -4.38
C ASN A 206 14.27 9.01 -4.68
N PHE A 207 13.34 8.12 -4.30
CA PHE A 207 13.61 6.65 -4.55
C PHE A 207 13.79 6.40 -6.04
N ALA A 208 13.00 7.06 -6.87
CA ALA A 208 13.13 6.71 -8.29
C ALA A 208 14.49 7.07 -8.81
N ALA A 209 15.02 8.18 -8.31
CA ALA A 209 16.37 8.58 -8.77
C ALA A 209 17.45 7.68 -8.20
N THR A 210 17.45 7.41 -6.87
CA THR A 210 18.55 6.63 -6.32
C THR A 210 18.53 5.18 -6.71
N LEU A 211 17.30 4.67 -6.95
CA LEU A 211 17.18 3.25 -7.36
C LEU A 211 17.05 3.10 -8.89
N GLU A 212 17.15 4.20 -9.64
CA GLU A 212 17.26 4.19 -11.12
C GLU A 212 16.11 3.46 -11.75
N CYS A 213 14.95 4.07 -11.62
CA CYS A 213 13.68 3.41 -12.04
C CYS A 213 13.13 4.04 -13.34
N PRO A 214 12.61 3.19 -14.22
CA PRO A 214 11.97 3.63 -15.47
C PRO A 214 10.55 4.11 -15.22
N ILE A 215 10.46 5.35 -14.77
CA ILE A 215 9.15 5.94 -14.42
C ILE A 215 9.00 7.35 -14.95
N ILE A 216 7.79 7.66 -15.41
CA ILE A 216 7.43 9.04 -15.76
C ILE A 216 6.52 9.52 -14.65
N PHE A 217 6.91 10.62 -13.95
CA PHE A 217 6.02 11.34 -13.01
C PHE A 217 5.33 12.40 -13.84
N PHE A 218 3.98 12.41 -13.84
CA PHE A 218 3.21 13.36 -14.66
C PHE A 218 2.37 14.15 -13.68
N CYS A 219 2.84 15.39 -13.45
CA CYS A 219 2.11 16.24 -12.53
C CYS A 219 1.21 17.19 -13.36
N ARG A 220 -0.08 17.23 -13.04
CA ARG A 220 -0.97 18.22 -13.63
C ARG A 220 -1.07 19.38 -12.70
N ASN A 221 -0.71 20.57 -13.16
CA ASN A 221 -0.81 21.72 -12.30
C ASN A 221 -1.86 22.67 -12.87
N ASN A 222 -3.01 22.76 -12.18
CA ASN A 222 -4.08 23.68 -12.59
C ASN A 222 -4.27 24.85 -11.63
N GLY A 223 -3.28 25.08 -10.77
CA GLY A 223 -3.27 26.29 -9.94
C GLY A 223 -4.12 26.16 -8.70
N TYR A 224 -4.79 25.06 -8.52
CA TYR A 224 -5.73 24.92 -7.35
C TYR A 224 -5.83 23.54 -6.88
N ALA A 225 -5.92 23.39 -5.56
CA ALA A 225 -6.25 22.09 -4.96
C ALA A 225 -7.46 22.39 -4.06
N ILE A 226 -8.65 21.92 -4.44
CA ILE A 226 -9.93 22.38 -3.84
C ILE A 226 -9.98 23.89 -3.84
N SER A 227 -9.87 24.56 -2.67
CA SER A 227 -10.02 26.00 -2.60
C SER A 227 -8.63 26.68 -2.54
N THR A 228 -7.56 25.87 -2.54
CA THR A 228 -6.24 26.39 -2.18
C THR A 228 -5.50 26.79 -3.47
N PRO A 229 -5.20 28.09 -3.64
CA PRO A 229 -4.44 28.45 -4.83
C PRO A 229 -2.98 28.10 -4.65
N THR A 230 -2.22 28.04 -5.76
CA THR A 230 -0.84 27.59 -5.62
C THR A 230 0.03 28.53 -4.80
N SER A 231 -0.37 29.81 -4.63
CA SER A 231 0.39 30.66 -3.75
C SER A 231 0.45 30.18 -2.32
N GLU A 232 -0.50 29.32 -1.92
CA GLU A 232 -0.56 28.75 -0.58
C GLU A 232 -0.05 27.27 -0.60
N GLN A 233 0.24 26.76 -1.79
CA GLN A 233 0.67 25.38 -1.93
C GLN A 233 2.20 25.25 -2.00
N TYR A 234 2.87 26.25 -2.56
CA TYR A 234 4.37 26.16 -2.71
C TYR A 234 4.85 27.54 -3.09
N ARG A 235 6.16 27.76 -3.02
CA ARG A 235 6.74 29.05 -3.35
C ARG A 235 7.88 28.94 -4.30
N GLY A 236 8.19 27.72 -4.76
CA GLY A 236 9.18 27.59 -5.80
C GLY A 236 8.48 27.70 -7.17
N ASP A 237 9.25 27.39 -8.20
CA ASP A 237 8.72 27.50 -9.58
C ASP A 237 7.94 26.28 -9.97
N GLY A 238 6.78 26.16 -9.34
CA GLY A 238 5.94 24.98 -9.55
C GLY A 238 6.59 23.70 -9.15
N ILE A 239 6.13 22.61 -9.73
CA ILE A 239 6.66 21.28 -9.48
C ILE A 239 7.86 20.97 -10.36
N ALA A 240 7.87 21.43 -11.64
CA ALA A 240 9.00 21.07 -12.50
C ALA A 240 10.29 21.47 -11.87
N ALA A 241 10.33 22.58 -11.18
CA ALA A 241 11.63 23.03 -10.68
C ALA A 241 12.16 22.15 -9.53
N ARG A 242 11.31 21.30 -8.96
CA ARG A 242 11.76 20.40 -7.91
C ARG A 242 12.52 19.23 -8.47
N GLY A 243 12.23 18.84 -9.72
CA GLY A 243 12.81 17.59 -10.31
C GLY A 243 14.33 17.61 -10.26
N PRO A 244 14.98 18.66 -10.78
CA PRO A 244 16.45 18.70 -10.82
C PRO A 244 17.10 18.55 -9.42
N GLY A 245 16.43 18.99 -8.36
CA GLY A 245 17.01 18.86 -7.01
C GLY A 245 17.13 17.38 -6.59
N TYR A 246 16.29 16.50 -7.18
CA TYR A 246 16.37 15.09 -6.95
C TYR A 246 17.19 14.38 -8.01
N GLY A 247 17.72 15.14 -8.98
CA GLY A 247 18.49 14.50 -10.06
C GLY A 247 17.62 13.97 -11.16
N ILE A 248 16.37 14.47 -11.24
CA ILE A 248 15.39 13.97 -12.21
C ILE A 248 15.27 14.89 -13.41
N MET A 249 15.45 14.39 -14.63
CA MET A 249 15.22 15.22 -15.82
C MET A 249 13.81 15.69 -15.90
N SER A 250 13.59 17.01 -16.17
CA SER A 250 12.25 17.57 -15.98
C SER A 250 11.84 18.47 -17.09
N ILE A 251 10.55 18.61 -17.33
CA ILE A 251 10.07 19.50 -18.40
C ILE A 251 8.70 20.01 -18.00
N ARG A 252 8.32 21.19 -18.49
CA ARG A 252 7.00 21.76 -18.31
C ARG A 252 6.35 21.92 -19.68
N VAL A 253 5.08 21.55 -19.73
CA VAL A 253 4.37 21.53 -21.05
C VAL A 253 3.03 22.23 -20.94
N ASP A 254 2.51 22.67 -22.11
CA ASP A 254 1.17 23.26 -22.18
C ASP A 254 0.13 22.15 -22.16
N GLY A 255 -0.60 22.01 -21.03
CA GLY A 255 -1.56 20.88 -20.91
C GLY A 255 -2.76 21.04 -21.82
N ASN A 256 -2.95 22.22 -22.43
CA ASN A 256 -4.07 22.39 -23.39
C ASN A 256 -3.61 21.98 -24.77
N ASP A 257 -2.38 21.44 -24.93
CA ASP A 257 -1.82 21.12 -26.27
C ASP A 257 -1.54 19.62 -26.29
N VAL A 258 -2.45 18.87 -26.90
N VAL A 258 -2.44 18.82 -26.91
CA VAL A 258 -2.31 17.42 -26.91
CA VAL A 258 -2.20 17.35 -26.90
C VAL A 258 -0.99 16.95 -27.57
C VAL A 258 -0.88 16.97 -27.52
N PHE A 259 -0.46 17.73 -28.52
CA PHE A 259 0.77 17.33 -29.19
C PHE A 259 2.01 17.63 -28.37
N ALA A 260 2.00 18.72 -27.61
CA ALA A 260 3.10 18.98 -26.68
C ALA A 260 3.13 17.92 -25.60
N VAL A 261 1.96 17.55 -25.07
CA VAL A 261 1.92 16.47 -24.07
C VAL A 261 2.37 15.17 -24.65
N TYR A 262 1.91 14.85 -25.87
CA TYR A 262 2.32 13.60 -26.50
C TYR A 262 3.84 13.55 -26.72
N ASN A 263 4.39 14.64 -27.25
CA ASN A 263 5.81 14.66 -27.56
C ASN A 263 6.66 14.48 -26.28
N ALA A 264 6.29 15.20 -25.22
CA ALA A 264 7.10 15.13 -24.01
C ALA A 264 7.00 13.74 -23.41
N THR A 265 5.78 13.15 -23.45
CA THR A 265 5.61 11.79 -22.88
C THR A 265 6.32 10.74 -23.71
N LYS A 266 6.25 10.87 -25.05
N LYS A 266 6.29 10.89 -25.03
CA LYS A 266 6.94 9.94 -25.96
CA LYS A 266 6.90 9.90 -25.92
C LYS A 266 8.43 9.90 -25.61
C LYS A 266 8.44 9.91 -25.80
N GLU A 267 9.03 11.08 -25.55
CA GLU A 267 10.47 11.19 -25.36
C GLU A 267 10.86 10.75 -23.95
N ALA A 268 10.11 11.21 -22.94
CA ALA A 268 10.33 10.64 -21.59
C ALA A 268 10.22 9.12 -21.53
N ARG A 269 9.23 8.52 -22.23
CA ARG A 269 9.12 7.06 -22.20
C ARG A 269 10.35 6.43 -22.82
N ARG A 270 10.74 6.93 -24.01
CA ARG A 270 11.89 6.38 -24.70
C ARG A 270 13.17 6.36 -23.87
N ARG A 271 13.45 7.49 -23.22
CA ARG A 271 14.64 7.62 -22.41
C ARG A 271 14.49 6.91 -21.07
N ALA A 272 13.32 6.96 -20.43
CA ALA A 272 13.20 6.24 -19.16
C ALA A 272 13.48 4.75 -19.31
N VAL A 273 12.96 4.14 -20.38
N VAL A 273 12.94 4.15 -20.37
CA VAL A 273 13.09 2.70 -20.56
CA VAL A 273 13.11 2.72 -20.55
C VAL A 273 14.49 2.29 -21.05
C VAL A 273 14.55 2.40 -20.92
N ALA A 274 15.11 3.18 -21.83
CA ALA A 274 16.49 2.94 -22.29
C ALA A 274 17.50 3.14 -21.16
N GLU A 275 17.28 4.14 -20.31
CA GLU A 275 18.31 4.62 -19.42
C GLU A 275 18.06 4.21 -17.96
N ASN A 276 16.85 3.72 -17.69
CA ASN A 276 16.44 3.41 -16.31
C ASN A 276 16.67 4.64 -15.47
N GLN A 277 16.01 5.71 -15.87
CA GLN A 277 16.00 6.91 -15.04
C GLN A 277 14.66 7.56 -15.15
N PRO A 278 14.30 8.18 -14.06
CA PRO A 278 12.98 8.86 -14.02
C PRO A 278 12.91 10.18 -14.79
N PHE A 279 11.70 10.50 -15.26
CA PHE A 279 11.45 11.81 -15.94
C PHE A 279 10.28 12.44 -15.29
N LEU A 280 10.29 13.78 -15.14
CA LEU A 280 9.14 14.47 -14.58
C LEU A 280 8.60 15.41 -15.63
N ILE A 281 7.29 15.29 -15.88
CA ILE A 281 6.56 16.25 -16.75
C ILE A 281 5.55 17.00 -15.91
N GLU A 282 5.59 18.34 -15.93
CA GLU A 282 4.54 19.13 -15.30
C GLU A 282 3.73 19.78 -16.39
N ALA A 283 2.47 19.38 -16.49
CA ALA A 283 1.63 19.94 -17.54
C ALA A 283 0.77 20.99 -16.91
N MET A 284 0.80 22.18 -17.51
CA MET A 284 -0.01 23.24 -16.93
C MET A 284 -1.41 23.20 -17.54
N THR A 285 -2.43 23.24 -16.68
CA THR A 285 -3.82 23.25 -17.14
C THR A 285 -4.63 24.30 -16.45
N TYR A 286 -5.87 24.43 -16.88
CA TYR A 286 -6.81 25.33 -16.18
C TYR A 286 -7.74 24.53 -15.33
N ARG A 287 -8.13 25.15 -14.21
CA ARG A 287 -9.16 24.56 -13.37
C ARG A 287 -10.46 24.98 -14.05
N ILE A 288 -11.23 23.98 -14.49
CA ILE A 288 -12.43 24.27 -15.27
C ILE A 288 -13.64 23.67 -14.57
N ASP A 313 -9.74 28.50 -25.36
CA ASP A 313 -8.48 27.94 -24.84
C ASP A 313 -8.73 26.68 -23.99
N HIS A 314 -8.98 25.59 -24.70
CA HIS A 314 -9.34 24.32 -24.09
C HIS A 314 -8.67 23.26 -25.01
N PRO A 315 -8.26 22.12 -24.47
CA PRO A 315 -7.61 21.08 -25.31
C PRO A 315 -8.50 20.55 -26.42
N ILE A 316 -9.81 20.43 -26.17
CA ILE A 316 -10.67 19.91 -27.20
C ILE A 316 -10.81 20.90 -28.34
N SER A 317 -11.06 22.17 -28.02
CA SER A 317 -11.19 23.19 -29.06
C SER A 317 -9.93 23.34 -29.92
N ARG A 318 -8.77 23.25 -29.24
N ARG A 318 -8.77 23.30 -29.26
CA ARG A 318 -7.50 23.43 -29.94
CA ARG A 318 -7.53 23.45 -29.99
C ARG A 318 -7.22 22.32 -30.91
C ARG A 318 -7.37 22.31 -30.98
N LEU A 319 -7.54 21.07 -30.53
CA LEU A 319 -7.36 19.95 -31.44
C LEU A 319 -8.41 20.02 -32.56
N ARG A 320 -9.64 20.44 -32.23
CA ARG A 320 -10.65 20.60 -33.32
C ARG A 320 -10.14 21.56 -34.38
N HIS A 321 -9.52 22.65 -33.98
CA HIS A 321 -9.00 23.58 -35.02
C HIS A 321 -7.93 22.94 -35.86
N TYR A 322 -7.03 22.14 -35.26
CA TYR A 322 -6.03 21.40 -36.01
C TYR A 322 -6.69 20.48 -37.01
N LEU A 323 -7.64 19.68 -36.57
CA LEU A 323 -8.36 18.77 -37.49
C LEU A 323 -8.93 19.47 -38.72
N LEU A 324 -9.54 20.61 -38.50
N LEU A 324 -9.53 20.62 -38.51
N LEU A 324 -9.62 20.58 -38.47
CA LEU A 324 -10.11 21.39 -39.60
CA LEU A 324 -10.06 21.39 -39.62
CA LEU A 324 -10.32 21.32 -39.53
C LEU A 324 -9.05 21.75 -40.63
C LEU A 324 -8.94 21.82 -40.60
C LEU A 324 -9.38 22.22 -40.33
N SER A 325 -7.92 22.27 -40.15
N SER A 325 -7.77 22.21 -40.07
N SER A 325 -8.07 22.00 -40.19
CA SER A 325 -6.83 22.71 -41.03
CA SER A 325 -6.65 22.70 -40.89
CA SER A 325 -7.06 22.65 -41.02
C SER A 325 -6.48 21.57 -41.97
C SER A 325 -6.09 21.63 -41.80
C SER A 325 -6.38 21.61 -41.90
N GLN A 326 -6.30 20.38 -41.40
CA GLN A 326 -5.80 19.25 -42.22
C GLN A 326 -6.88 18.76 -43.16
N GLY A 327 -8.10 19.22 -42.95
CA GLY A 327 -9.26 18.70 -43.67
C GLY A 327 -9.74 17.39 -43.12
N TRP A 328 -9.55 17.18 -41.81
CA TRP A 328 -9.84 15.90 -41.20
C TRP A 328 -11.16 15.90 -40.40
N TRP A 329 -11.86 17.03 -40.40
CA TRP A 329 -13.13 17.15 -39.63
C TRP A 329 -13.85 18.34 -40.17
N ASP A 330 -15.15 18.39 -39.87
CA ASP A 330 -15.98 19.50 -40.33
C ASP A 330 -17.21 19.55 -39.40
N GLU A 331 -18.11 20.48 -39.64
CA GLU A 331 -19.23 20.71 -38.72
C GLU A 331 -20.22 19.57 -38.77
N GLU A 332 -20.37 18.94 -39.93
CA GLU A 332 -21.29 17.80 -40.06
C GLU A 332 -20.79 16.59 -39.27
N GLN A 333 -19.51 16.25 -39.41
CA GLN A 333 -18.95 15.16 -38.63
C GLN A 333 -19.04 15.47 -37.15
N GLU A 334 -18.79 16.71 -36.78
CA GLU A 334 -18.88 17.10 -35.39
C GLU A 334 -20.30 16.87 -34.85
N LYS A 335 -21.29 17.24 -35.64
CA LYS A 335 -22.69 17.07 -35.25
C LYS A 335 -23.03 15.61 -35.08
N ALA A 336 -22.61 14.78 -36.03
CA ALA A 336 -22.97 13.38 -36.00
C ALA A 336 -22.26 12.70 -34.83
N TRP A 337 -21.01 13.09 -34.55
CA TRP A 337 -20.29 12.45 -33.45
C TRP A 337 -20.86 12.90 -32.10
N ARG A 338 -21.24 14.17 -31.99
CA ARG A 338 -21.84 14.64 -30.76
C ARG A 338 -23.10 13.79 -30.47
N LYS A 339 -23.86 13.51 -31.52
CA LYS A 339 -25.10 12.73 -31.40
C LYS A 339 -24.86 11.27 -31.03
N GLN A 340 -23.92 10.66 -31.74
CA GLN A 340 -23.53 9.27 -31.53
C GLN A 340 -22.94 9.03 -30.15
N SER A 341 -22.09 9.95 -29.70
N SER A 341 -22.09 9.95 -29.69
CA SER A 341 -21.46 9.82 -28.37
CA SER A 341 -21.49 9.84 -28.33
C SER A 341 -22.50 9.96 -27.25
C SER A 341 -22.55 9.91 -27.26
N ARG A 342 -23.47 10.84 -27.44
CA ARG A 342 -24.52 11.02 -26.45
C ARG A 342 -25.33 9.73 -26.39
N ARG A 343 -25.69 9.19 -27.56
CA ARG A 343 -26.40 7.91 -27.63
C ARG A 343 -25.64 6.76 -26.91
N LYS A 344 -24.35 6.62 -27.19
CA LYS A 344 -23.56 5.53 -26.59
C LYS A 344 -23.48 5.72 -25.08
N VAL A 345 -23.28 6.96 -24.59
CA VAL A 345 -23.20 7.17 -23.14
C VAL A 345 -24.55 6.91 -22.46
N MET A 346 -25.63 7.36 -23.11
CA MET A 346 -26.98 7.20 -22.53
C MET A 346 -27.40 5.75 -22.50
N GLU A 347 -26.98 4.96 -23.50
CA GLU A 347 -27.25 3.52 -23.50
C GLU A 347 -26.56 2.85 -22.29
N ALA A 348 -25.31 3.23 -22.04
CA ALA A 348 -24.56 2.66 -20.97
C ALA A 348 -25.13 3.09 -19.65
N PHE A 349 -25.53 4.38 -19.59
CA PHE A 349 -26.08 4.95 -18.36
C PHE A 349 -27.36 4.22 -17.96
N GLU A 350 -28.25 4.04 -18.92
CA GLU A 350 -29.53 3.39 -18.65
C GLU A 350 -29.35 1.94 -18.19
N GLN A 351 -28.47 1.20 -18.86
CA GLN A 351 -28.16 -0.15 -18.49
C GLN A 351 -27.57 -0.20 -17.08
N ALA A 352 -26.71 0.77 -16.74
CA ALA A 352 -26.05 0.72 -15.44
C ALA A 352 -27.01 0.98 -14.32
N GLU A 353 -28.00 1.84 -14.55
CA GLU A 353 -28.96 2.13 -13.50
C GLU A 353 -29.91 1.00 -13.23
N ARG A 354 -30.10 0.11 -14.18
N ARG A 354 -30.14 0.16 -14.26
CA ARG A 354 -31.12 -0.95 -14.01
CA ARG A 354 -31.09 -0.95 -14.20
C ARG A 354 -30.51 -2.30 -13.67
C ARG A 354 -30.52 -2.17 -13.47
N LYS A 355 -29.21 -2.34 -13.54
CA LYS A 355 -28.55 -3.55 -13.02
C LYS A 355 -28.69 -3.61 -11.49
N PRO A 356 -28.80 -4.81 -10.93
CA PRO A 356 -28.80 -4.94 -9.48
C PRO A 356 -27.43 -4.66 -8.91
N LYS A 357 -27.35 -4.49 -7.59
CA LYS A 357 -26.05 -4.34 -6.94
C LYS A 357 -25.56 -5.76 -6.63
N PRO A 358 -24.32 -5.92 -6.24
CA PRO A 358 -23.79 -7.25 -6.02
C PRO A 358 -24.33 -7.86 -4.74
N ASN A 359 -24.13 -9.16 -4.61
CA ASN A 359 -24.56 -9.85 -3.42
C ASN A 359 -23.89 -9.27 -2.13
N PRO A 360 -24.65 -8.96 -1.07
CA PRO A 360 -24.05 -8.40 0.15
C PRO A 360 -22.97 -9.25 0.78
N ASN A 361 -22.91 -10.52 0.42
CA ASN A 361 -21.82 -11.43 0.85
C ASN A 361 -20.47 -10.94 0.39
N LEU A 362 -20.47 -10.15 -0.68
CA LEU A 362 -19.21 -9.63 -1.20
C LEU A 362 -18.61 -8.57 -0.32
N LEU A 363 -19.29 -8.12 0.74
N LEU A 363 -19.37 -8.21 0.72
CA LEU A 363 -18.58 -7.17 1.60
CA LEU A 363 -18.87 -7.36 1.78
C LEU A 363 -17.49 -7.91 2.41
C LEU A 363 -17.61 -7.93 2.43
N PHE A 364 -17.53 -9.27 2.45
CA PHE A 364 -16.59 -9.99 3.33
C PHE A 364 -15.42 -10.58 2.59
N SER A 365 -15.53 -10.77 1.27
CA SER A 365 -14.42 -11.40 0.53
C SER A 365 -13.36 -10.37 0.16
N ASP A 366 -12.15 -10.91 -0.08
CA ASP A 366 -10.96 -10.17 -0.56
C ASP A 366 -10.36 -9.26 0.52
N VAL A 367 -10.84 -9.31 1.77
CA VAL A 367 -10.16 -8.56 2.85
C VAL A 367 -8.77 -9.13 3.01
N TYR A 368 -8.73 -10.50 3.04
CA TYR A 368 -7.50 -11.24 2.85
C TYR A 368 -7.73 -12.07 1.59
N GLN A 369 -6.71 -12.73 1.05
CA GLN A 369 -7.00 -13.51 -0.14
C GLN A 369 -8.04 -14.58 0.22
N GLU A 370 -7.71 -15.33 1.30
N GLU A 370 -7.70 -15.39 1.23
CA GLU A 370 -8.59 -16.29 1.97
CA GLU A 370 -8.63 -16.33 1.78
C GLU A 370 -9.39 -15.72 3.15
C GLU A 370 -9.58 -15.61 2.71
N MET A 371 -10.68 -15.93 3.15
N MET A 371 -10.55 -16.35 3.26
CA MET A 371 -11.50 -15.57 4.29
CA MET A 371 -11.47 -15.77 4.29
C MET A 371 -11.17 -16.32 5.60
C MET A 371 -11.14 -16.40 5.64
N PRO A 372 -10.62 -15.58 6.57
CA PRO A 372 -10.35 -16.13 7.92
C PRO A 372 -11.63 -16.67 8.55
N ALA A 373 -11.51 -17.72 9.36
CA ALA A 373 -12.73 -18.32 9.89
C ALA A 373 -13.52 -17.29 10.72
N GLN A 374 -12.83 -16.39 11.41
CA GLN A 374 -13.59 -15.46 12.23
C GLN A 374 -14.37 -14.47 11.36
N LEU A 375 -13.86 -14.23 10.14
CA LEU A 375 -14.54 -13.32 9.21
C LEU A 375 -15.74 -14.02 8.59
N ARG A 376 -15.56 -15.31 8.29
CA ARG A 376 -16.70 -16.18 7.85
C ARG A 376 -17.78 -16.21 8.90
N LYS A 377 -17.40 -16.24 10.17
CA LYS A 377 -18.40 -16.20 11.24
C LYS A 377 -19.22 -14.92 11.17
N GLN A 378 -18.55 -13.78 10.91
CA GLN A 378 -19.28 -12.50 10.77
C GLN A 378 -20.23 -12.52 9.55
N GLN A 379 -19.78 -13.14 8.45
N GLN A 379 -19.79 -13.16 8.47
CA GLN A 379 -20.61 -13.30 7.25
CA GLN A 379 -20.61 -13.28 7.27
C GLN A 379 -21.83 -14.12 7.61
C GLN A 379 -21.83 -14.13 7.59
N GLU A 380 -21.63 -15.22 8.36
CA GLU A 380 -22.78 -16.11 8.76
C GLU A 380 -23.74 -15.35 9.66
N SER A 381 -23.18 -14.49 10.50
N SER A 381 -23.18 -14.50 10.52
CA SER A 381 -23.98 -13.65 11.41
CA SER A 381 -24.01 -13.66 11.39
C SER A 381 -24.90 -12.68 10.64
C SER A 381 -24.93 -12.74 10.58
N LEU A 382 -24.38 -12.08 9.58
CA LEU A 382 -25.18 -11.20 8.73
C LEU A 382 -26.26 -12.00 8.03
N ALA A 383 -25.93 -13.19 7.52
CA ALA A 383 -26.94 -14.04 6.86
C ALA A 383 -28.07 -14.40 7.81
N ARG A 384 -27.75 -14.77 9.05
CA ARG A 384 -28.80 -15.06 10.02
C ARG A 384 -29.59 -13.81 10.32
N HIS A 385 -28.91 -12.69 10.40
CA HIS A 385 -29.59 -11.43 10.72
C HIS A 385 -30.64 -11.08 9.67
N LEU A 386 -30.24 -11.24 8.41
CA LEU A 386 -31.12 -10.89 7.29
C LEU A 386 -32.27 -11.84 7.16
N GLN A 387 -32.09 -13.07 7.61
CA GLN A 387 -33.21 -13.98 7.63
C GLN A 387 -34.35 -13.51 8.53
N THR A 388 -33.99 -12.92 9.66
CA THR A 388 -34.98 -12.47 10.64
C THR A 388 -35.42 -11.04 10.39
N TYR A 389 -34.50 -10.14 10.06
CA TYR A 389 -34.77 -8.71 9.98
C TYR A 389 -34.72 -8.14 8.58
N GLY A 390 -34.67 -9.01 7.57
CA GLY A 390 -34.43 -8.58 6.18
C GLY A 390 -35.39 -7.57 5.60
N GLU A 391 -36.63 -7.54 6.11
CA GLU A 391 -37.59 -6.53 5.66
C GLU A 391 -37.08 -5.13 5.92
N HIS A 392 -36.10 -4.96 6.80
CA HIS A 392 -35.62 -3.63 7.13
C HIS A 392 -34.39 -3.24 6.29
N TYR A 393 -34.04 -4.03 5.29
CA TYR A 393 -32.84 -3.79 4.51
C TYR A 393 -33.28 -3.71 3.08
N PRO A 394 -32.55 -2.92 2.28
CA PRO A 394 -32.94 -2.71 0.88
C PRO A 394 -32.56 -3.94 0.03
N LEU A 395 -33.10 -5.11 0.32
CA LEU A 395 -32.64 -6.36 -0.26
C LEU A 395 -32.99 -6.52 -1.73
N ASP A 396 -33.91 -5.70 -2.20
CA ASP A 396 -34.57 -5.92 -3.47
C ASP A 396 -33.78 -5.51 -4.71
N HIS A 397 -32.84 -4.57 -4.59
CA HIS A 397 -31.99 -4.37 -5.76
C HIS A 397 -30.57 -4.93 -5.51
N PHE A 398 -30.40 -5.89 -4.59
CA PHE A 398 -29.12 -6.60 -4.42
C PHE A 398 -29.23 -8.00 -4.97
N ASP A 399 -28.19 -8.44 -5.65
CA ASP A 399 -28.13 -9.79 -6.21
C ASP A 399 -28.25 -10.83 -5.11
N LYS A 400 -28.75 -11.98 -5.59
CA LYS A 400 -29.24 -13.16 -4.87
C LYS A 400 -29.74 -12.90 -3.48
N ALA B 2 19.33 -9.83 32.97
CA ALA B 2 18.25 -10.23 32.01
C ALA B 2 16.94 -10.57 32.73
N HIS B 3 15.83 -10.10 32.18
CA HIS B 3 14.51 -10.31 32.77
C HIS B 3 13.91 -11.68 32.36
N PHE B 4 14.57 -12.39 31.45
CA PHE B 4 14.01 -13.64 30.92
C PHE B 4 15.06 -14.75 30.93
N GLU B 14 13.25 -34.28 11.97
CA GLU B 14 12.00 -34.16 11.23
C GLU B 14 12.01 -33.11 10.11
N TYR B 15 13.03 -32.24 10.11
CA TYR B 15 13.17 -31.20 9.05
C TYR B 15 14.52 -31.19 8.33
N GLY B 16 15.24 -32.30 8.43
CA GLY B 16 16.55 -32.41 7.88
C GLY B 16 17.60 -31.83 8.82
N GLN B 17 18.79 -31.65 8.26
CA GLN B 17 19.91 -31.20 9.00
C GLN B 17 19.65 -29.86 9.66
N THR B 18 20.12 -29.74 10.90
CA THR B 18 20.02 -28.48 11.64
C THR B 18 21.39 -27.95 11.98
N GLN B 19 21.42 -26.68 12.36
CA GLN B 19 22.63 -26.04 12.88
C GLN B 19 22.18 -25.16 14.01
N LYS B 20 23.02 -24.98 15.03
CA LYS B 20 22.69 -23.96 16.04
C LYS B 20 22.67 -22.58 15.40
N MET B 21 21.59 -21.87 15.67
CA MET B 21 21.45 -20.48 15.19
C MET B 21 20.86 -19.64 16.28
N ASN B 22 21.34 -18.39 16.43
CA ASN B 22 20.57 -17.49 17.27
C ASN B 22 19.45 -16.84 16.41
N LEU B 23 18.68 -15.90 16.97
N LEU B 23 18.68 -15.90 17.00
CA LEU B 23 17.50 -15.48 16.22
CA LEU B 23 17.53 -15.35 16.28
C LEU B 23 17.91 -14.58 15.00
C LEU B 23 18.00 -14.68 14.99
N PHE B 24 18.99 -13.78 15.10
CA PHE B 24 19.40 -13.02 13.90
C PHE B 24 19.82 -13.99 12.78
N GLN B 25 20.57 -15.04 13.17
CA GLN B 25 20.98 -16.04 12.17
C GLN B 25 19.82 -16.79 11.55
N SER B 26 18.80 -17.09 12.34
CA SER B 26 17.66 -17.74 11.76
C SER B 26 16.89 -16.89 10.74
N VAL B 27 16.89 -15.58 10.97
CA VAL B 27 16.28 -14.67 10.02
C VAL B 27 17.11 -14.66 8.75
N THR B 28 18.45 -14.58 8.87
CA THR B 28 19.26 -14.64 7.64
C THR B 28 18.98 -15.90 6.87
N SER B 29 18.90 -17.02 7.58
CA SER B 29 18.67 -18.33 6.95
C SER B 29 17.35 -18.33 6.20
N ALA B 30 16.28 -17.83 6.83
CA ALA B 30 15.02 -17.69 6.10
C ALA B 30 15.09 -16.82 4.86
N LEU B 31 15.79 -15.70 4.98
CA LEU B 31 15.93 -14.77 3.86
C LEU B 31 16.76 -15.41 2.77
N ASP B 32 17.83 -16.10 3.13
CA ASP B 32 18.64 -16.82 2.14
C ASP B 32 17.79 -17.87 1.44
N ASN B 33 17.09 -18.73 2.21
CA ASN B 33 16.25 -19.75 1.57
C ASN B 33 15.26 -19.10 0.62
N SER B 34 14.69 -17.95 1.02
CA SER B 34 13.75 -17.24 0.13
C SER B 34 14.31 -16.79 -1.19
N LEU B 35 15.46 -16.13 -1.17
N LEU B 35 15.44 -16.10 -1.14
CA LEU B 35 16.06 -15.61 -2.38
CA LEU B 35 16.11 -15.61 -2.35
C LEU B 35 16.64 -16.70 -3.27
C LEU B 35 16.42 -16.76 -3.26
N ALA B 36 16.90 -17.86 -2.67
CA ALA B 36 17.37 -19.02 -3.44
C ALA B 36 16.24 -19.62 -4.23
N LYS B 37 15.04 -19.63 -3.66
CA LYS B 37 14.00 -20.39 -4.33
C LYS B 37 12.99 -19.51 -5.08
N ASP B 38 13.08 -18.22 -4.86
CA ASP B 38 12.15 -17.27 -5.48
C ASP B 38 12.94 -16.15 -6.19
N PRO B 39 13.15 -16.29 -7.51
CA PRO B 39 13.95 -15.37 -8.29
C PRO B 39 13.42 -13.94 -8.29
N THR B 40 12.14 -13.77 -7.91
CA THR B 40 11.58 -12.40 -7.88
C THR B 40 11.93 -11.67 -6.61
N ALA B 41 12.36 -12.39 -5.58
CA ALA B 41 12.40 -11.78 -4.23
C ALA B 41 13.54 -10.79 -4.13
N VAL B 42 13.24 -9.67 -3.47
CA VAL B 42 14.25 -8.64 -3.12
C VAL B 42 14.08 -8.21 -1.67
N ILE B 43 15.16 -7.71 -1.07
CA ILE B 43 15.22 -7.24 0.33
C ILE B 43 15.75 -5.83 0.30
N PHE B 44 15.08 -4.91 1.02
CA PHE B 44 15.54 -3.50 0.94
C PHE B 44 15.07 -2.79 2.19
N GLY B 45 15.76 -1.67 2.45
CA GLY B 45 15.47 -0.87 3.61
C GLY B 45 16.72 -0.10 3.96
N GLU B 46 16.73 0.53 5.14
CA GLU B 46 17.91 1.31 5.50
C GLU B 46 19.02 0.37 5.97
N ASP B 47 20.21 0.55 5.39
CA ASP B 47 21.44 -0.14 5.86
C ASP B 47 21.39 -1.65 5.75
N VAL B 48 20.56 -2.20 4.85
CA VAL B 48 20.57 -3.65 4.75
C VAL B 48 21.73 -4.18 3.93
N ALA B 49 22.29 -3.37 3.05
CA ALA B 49 23.30 -3.92 2.10
C ALA B 49 24.54 -4.48 2.85
N PHE B 50 25.05 -3.74 3.86
CA PHE B 50 26.23 -4.21 4.58
C PHE B 50 25.92 -5.25 5.61
N GLY B 51 24.66 -5.66 5.66
CA GLY B 51 24.30 -6.68 6.62
C GLY B 51 23.30 -6.30 7.68
N GLY B 52 22.99 -5.03 7.77
CA GLY B 52 21.97 -4.50 8.68
C GLY B 52 22.50 -4.19 10.07
N VAL B 53 21.76 -3.36 10.78
CA VAL B 53 22.27 -2.92 12.09
C VAL B 53 22.14 -3.96 13.15
N PHE B 54 21.38 -5.03 12.85
CA PHE B 54 21.34 -6.19 13.75
C PHE B 54 21.82 -7.47 13.06
N ARG B 55 22.55 -7.32 11.97
N ARG B 55 22.58 -7.32 11.98
N ARG B 55 22.48 -7.31 11.92
CA ARG B 55 23.22 -8.43 11.21
CA ARG B 55 23.24 -8.42 11.21
CA ARG B 55 23.21 -8.36 11.20
C ARG B 55 22.32 -9.40 10.45
C ARG B 55 22.32 -9.40 10.46
C ARG B 55 22.32 -9.39 10.48
N CYS B 56 21.04 -9.06 10.32
CA CYS B 56 20.08 -10.02 9.75
C CYS B 56 20.25 -10.25 8.30
N THR B 57 20.94 -9.33 7.58
CA THR B 57 21.13 -9.53 6.13
C THR B 57 22.58 -9.73 5.74
N VAL B 58 23.44 -10.14 6.69
CA VAL B 58 24.83 -10.37 6.36
C VAL B 58 25.01 -11.41 5.28
N GLY B 59 25.83 -11.05 4.32
CA GLY B 59 26.22 -11.98 3.26
C GLY B 59 25.27 -12.05 2.09
N LEU B 60 24.06 -11.49 2.23
CA LEU B 60 23.05 -11.75 1.21
C LEU B 60 23.26 -10.95 -0.06
N ARG B 61 23.73 -9.71 0.07
CA ARG B 61 24.01 -8.97 -1.18
C ARG B 61 25.14 -9.60 -1.94
N ASP B 62 26.20 -10.06 -1.25
CA ASP B 62 27.30 -10.71 -2.01
C ASP B 62 26.83 -11.96 -2.69
N LYS B 63 25.91 -12.68 -2.06
CA LYS B 63 25.48 -13.96 -2.62
C LYS B 63 24.45 -13.80 -3.74
N TYR B 64 23.52 -12.82 -3.58
CA TYR B 64 22.37 -12.67 -4.52
C TYR B 64 22.40 -11.48 -5.44
N GLY B 65 23.25 -10.51 -5.14
CA GLY B 65 23.40 -9.37 -6.03
C GLY B 65 22.87 -8.06 -5.49
N LYS B 66 23.53 -7.00 -5.89
CA LYS B 66 23.12 -5.69 -5.47
C LYS B 66 21.74 -5.27 -5.94
N ASP B 67 21.22 -5.86 -7.01
CA ASP B 67 19.84 -5.51 -7.44
C ASP B 67 18.78 -6.17 -6.56
N ARG B 68 19.21 -7.11 -5.74
CA ARG B 68 18.28 -7.92 -4.94
C ARG B 68 18.37 -7.61 -3.45
N VAL B 69 19.47 -7.03 -2.98
CA VAL B 69 19.57 -6.69 -1.53
C VAL B 69 20.21 -5.34 -1.52
N PHE B 70 19.39 -4.33 -1.17
CA PHE B 70 19.85 -2.98 -1.42
C PHE B 70 19.27 -1.98 -0.46
N ASN B 71 20.05 -0.91 -0.29
CA ASN B 71 19.63 0.22 0.61
C ASN B 71 18.70 1.18 -0.07
N THR B 72 17.74 1.68 0.73
CA THR B 72 16.88 2.76 0.25
C THR B 72 17.31 4.04 0.91
N PRO B 73 16.77 5.17 0.46
CA PRO B 73 16.89 6.39 1.23
C PRO B 73 16.22 6.23 2.58
N LEU B 74 16.49 7.19 3.45
CA LEU B 74 16.05 7.16 4.86
C LEU B 74 14.66 7.73 4.95
N CYS B 75 13.68 6.87 4.70
CA CYS B 75 12.34 7.38 4.51
C CYS B 75 11.41 6.22 4.59
N GLU B 76 10.80 6.05 5.77
CA GLU B 76 10.02 4.83 5.96
C GLU B 76 8.70 4.81 5.19
N GLN B 77 8.05 5.96 5.04
CA GLN B 77 6.82 5.91 4.24
C GLN B 77 7.18 5.51 2.81
N GLY B 78 8.38 5.87 2.33
CA GLY B 78 8.80 5.48 0.99
C GLY B 78 9.09 3.97 0.97
N ILE B 79 9.75 3.43 2.01
CA ILE B 79 10.14 2.01 2.00
C ILE B 79 8.88 1.18 1.82
N VAL B 80 7.84 1.51 2.60
CA VAL B 80 6.60 0.67 2.49
C VAL B 80 5.90 0.96 1.19
N GLY B 81 5.72 2.22 0.79
CA GLY B 81 5.08 2.38 -0.51
C GLY B 81 5.80 1.73 -1.66
N PHE B 82 7.12 1.86 -1.68
CA PHE B 82 7.94 1.14 -2.69
C PHE B 82 7.74 -0.35 -2.60
N GLY B 83 7.71 -0.93 -1.40
CA GLY B 83 7.51 -2.39 -1.33
C GLY B 83 6.13 -2.76 -1.82
N ILE B 84 5.12 -1.94 -1.52
CA ILE B 84 3.77 -2.29 -2.04
C ILE B 84 3.80 -2.37 -3.57
N GLY B 85 4.47 -1.37 -4.17
CA GLY B 85 4.58 -1.29 -5.65
C GLY B 85 5.27 -2.50 -6.25
N ILE B 86 6.36 -2.96 -5.62
CA ILE B 86 7.00 -4.18 -6.10
C ILE B 86 5.97 -5.32 -6.09
N ALA B 87 5.28 -5.41 -4.94
CA ALA B 87 4.34 -6.53 -4.77
C ALA B 87 3.15 -6.47 -5.73
N VAL B 88 2.70 -5.26 -6.13
CA VAL B 88 1.64 -5.13 -7.14
C VAL B 88 1.97 -5.82 -8.41
N THR B 89 3.27 -5.95 -8.72
CA THR B 89 3.68 -6.60 -9.95
C THR B 89 3.83 -8.10 -9.79
N GLY B 90 3.68 -8.58 -8.55
CA GLY B 90 3.76 -10.01 -8.24
C GLY B 90 5.09 -10.46 -7.68
N ALA B 91 6.05 -9.55 -7.60
CA ALA B 91 7.37 -9.94 -7.10
C ALA B 91 7.38 -9.90 -5.59
N THR B 92 8.13 -10.79 -4.95
CA THR B 92 8.23 -10.83 -3.49
C THR B 92 9.07 -9.66 -2.98
N ALA B 93 8.51 -8.86 -2.06
CA ALA B 93 9.16 -7.68 -1.57
C ALA B 93 9.33 -7.83 -0.10
N ILE B 94 10.58 -7.87 0.38
CA ILE B 94 10.78 -8.06 1.85
C ILE B 94 11.42 -6.77 2.36
N ALA B 95 10.58 -5.89 2.98
CA ALA B 95 11.06 -4.59 3.41
C ALA B 95 11.54 -4.70 4.84
N GLU B 96 12.52 -3.88 5.22
CA GLU B 96 12.88 -3.79 6.63
C GLU B 96 12.60 -2.42 7.09
N ILE B 97 12.05 -2.35 8.33
CA ILE B 97 11.94 -1.06 9.05
C ILE B 97 12.89 -1.21 10.21
N GLN B 98 13.80 -0.25 10.41
CA GLN B 98 14.99 -0.54 11.20
C GLN B 98 14.75 -0.80 12.65
N PHE B 99 13.76 -0.09 13.26
CA PHE B 99 13.19 -0.41 14.59
C PHE B 99 11.69 -0.32 14.42
N ALA B 100 10.94 -1.14 15.15
CA ALA B 100 9.45 -1.09 15.01
C ALA B 100 8.93 0.29 15.45
N ASP B 101 9.66 0.97 16.34
CA ASP B 101 9.34 2.32 16.78
C ASP B 101 9.25 3.29 15.62
N TYR B 102 9.97 3.00 14.50
CA TYR B 102 9.98 3.89 13.36
C TYR B 102 9.07 3.37 12.27
N ILE B 103 8.12 2.50 12.58
CA ILE B 103 7.18 2.06 11.53
C ILE B 103 6.06 3.09 11.34
N PHE B 104 5.86 4.00 12.31
CA PHE B 104 4.72 4.93 12.21
C PHE B 104 4.69 5.86 11.02
N PRO B 105 5.82 6.32 10.49
CA PRO B 105 5.70 7.11 9.26
C PRO B 105 5.06 6.38 8.12
N ALA B 106 5.16 5.07 8.14
CA ALA B 106 4.53 4.22 7.14
C ALA B 106 3.12 3.77 7.50
N PHE B 107 2.54 4.29 8.59
CA PHE B 107 1.24 3.76 9.02
C PHE B 107 0.16 3.94 7.97
N ASP B 108 0.15 5.09 7.28
CA ASP B 108 -0.88 5.34 6.27
C ASP B 108 -0.64 4.33 5.11
N GLN B 109 0.63 4.16 4.68
CA GLN B 109 0.82 3.17 3.60
C GLN B 109 0.46 1.78 4.04
N ILE B 110 0.65 1.43 5.32
CA ILE B 110 0.25 0.07 5.71
C ILE B 110 -1.27 -0.09 5.86
N VAL B 111 -1.90 0.86 6.55
CA VAL B 111 -3.33 0.77 6.97
C VAL B 111 -4.27 1.20 5.86
N ASN B 112 -3.97 2.36 5.24
CA ASN B 112 -4.85 2.78 4.17
C ASN B 112 -4.57 2.11 2.80
N GLU B 113 -3.32 1.70 2.57
CA GLU B 113 -3.00 1.15 1.24
C GLU B 113 -2.78 -0.37 1.34
N ALA B 114 -1.72 -0.84 1.98
CA ALA B 114 -1.41 -2.30 1.84
C ALA B 114 -2.60 -3.17 2.29
N ALA B 115 -3.17 -2.84 3.47
CA ALA B 115 -4.21 -3.73 4.03
C ALA B 115 -5.45 -3.79 3.17
N LYS B 116 -5.73 -2.66 2.46
CA LYS B 116 -7.00 -2.50 1.71
C LYS B 116 -6.86 -2.74 0.20
N TYR B 117 -5.62 -3.04 -0.22
CA TYR B 117 -5.29 -3.12 -1.64
C TYR B 117 -6.17 -4.11 -2.37
N ARG B 118 -6.25 -5.32 -1.81
CA ARG B 118 -7.01 -6.38 -2.49
C ARG B 118 -8.52 -6.15 -2.43
N TYR B 119 -9.01 -5.77 -1.26
CA TYR B 119 -10.44 -5.57 -1.13
C TYR B 119 -10.92 -4.49 -2.11
N ARG B 120 -10.22 -3.33 -2.04
CA ARG B 120 -10.76 -2.15 -2.69
C ARG B 120 -10.72 -2.31 -4.23
N SER B 121 -9.95 -3.27 -4.71
CA SER B 121 -9.83 -3.43 -6.17
C SER B 121 -10.69 -4.58 -6.65
N GLY B 122 -11.42 -5.24 -5.77
CA GLY B 122 -12.17 -6.44 -6.23
C GLY B 122 -11.24 -7.60 -6.57
N ASP B 123 -10.04 -7.63 -5.97
CA ASP B 123 -9.00 -8.63 -6.30
C ASP B 123 -8.45 -8.41 -7.72
N LEU B 124 -8.60 -7.22 -8.33
CA LEU B 124 -7.90 -6.96 -9.57
C LEU B 124 -6.41 -6.70 -9.29
N PHE B 125 -6.06 -6.14 -8.10
CA PHE B 125 -4.65 -5.90 -7.77
C PHE B 125 -4.46 -6.30 -6.33
N ASN B 126 -3.20 -6.54 -5.95
CA ASN B 126 -2.96 -6.92 -4.54
C ASN B 126 -1.51 -6.64 -4.23
N CYS B 127 -1.14 -6.73 -2.95
CA CYS B 127 0.25 -6.69 -2.52
C CYS B 127 0.52 -7.80 -1.56
N GLY B 128 -0.05 -8.97 -1.87
CA GLY B 128 0.16 -10.14 -1.04
C GLY B 128 1.61 -10.53 -0.89
N SER B 129 2.46 -10.23 -1.87
CA SER B 129 3.83 -10.73 -1.80
C SER B 129 4.72 -9.76 -1.01
N LEU B 130 4.14 -8.77 -0.31
CA LEU B 130 4.90 -7.95 0.63
C LEU B 130 4.99 -8.53 2.06
N THR B 131 6.18 -8.49 2.63
CA THR B 131 6.42 -8.75 4.04
C THR B 131 7.24 -7.59 4.55
N ILE B 132 6.81 -7.03 5.69
CA ILE B 132 7.61 -5.97 6.36
C ILE B 132 8.18 -6.58 7.63
N ARG B 133 9.52 -6.63 7.79
CA ARG B 133 10.10 -7.20 9.02
C ARG B 133 10.75 -6.08 9.81
N SER B 134 10.69 -6.16 11.14
CA SER B 134 11.25 -5.04 11.93
C SER B 134 11.57 -5.56 13.36
N PRO B 135 12.71 -5.16 13.92
CA PRO B 135 13.03 -5.45 15.31
C PRO B 135 12.00 -4.86 16.25
N TRP B 136 11.75 -5.58 17.33
CA TRP B 136 10.58 -5.24 18.18
C TRP B 136 10.90 -5.50 19.64
N GLY B 137 10.19 -4.78 20.52
CA GLY B 137 10.21 -5.18 21.93
C GLY B 137 11.34 -4.60 22.76
N CYS B 138 11.26 -4.77 24.05
CA CYS B 138 12.27 -4.10 24.90
C CYS B 138 13.65 -4.69 24.81
N VAL B 139 14.66 -3.92 25.26
CA VAL B 139 16.03 -4.41 25.07
C VAL B 139 16.87 -4.00 26.29
N GLY B 140 16.22 -3.62 27.37
CA GLY B 140 16.96 -3.27 28.59
C GLY B 140 17.25 -1.79 28.82
N HIS B 141 17.47 -1.07 27.73
CA HIS B 141 17.91 0.32 27.77
C HIS B 141 17.46 1.11 26.56
N GLY B 142 16.47 0.62 25.82
CA GLY B 142 16.07 1.28 24.55
C GLY B 142 15.19 2.51 24.76
N ALA B 143 14.61 2.67 25.94
CA ALA B 143 13.78 3.85 26.18
C ALA B 143 12.67 3.99 25.18
N LEU B 144 12.26 5.24 24.88
CA LEU B 144 11.00 5.41 24.21
C LEU B 144 10.94 4.95 22.80
N TYR B 145 12.08 4.96 22.09
CA TYR B 145 12.06 4.74 20.64
C TYR B 145 12.95 3.61 20.18
N HIS B 146 13.45 2.78 21.10
N HIS B 146 13.47 2.78 21.09
CA HIS B 146 14.14 1.56 20.72
CA HIS B 146 14.12 1.52 20.71
C HIS B 146 13.49 0.32 21.30
C HIS B 146 13.57 0.35 21.54
N SER B 147 12.32 0.50 21.93
CA SER B 147 11.71 -0.56 22.75
C SER B 147 10.28 -0.91 22.37
N GLN B 148 9.63 -0.18 21.48
CA GLN B 148 8.17 -0.30 21.37
C GLN B 148 7.68 -1.66 20.84
N SER B 149 6.45 -2.01 21.19
N SER B 149 6.42 -1.96 21.19
CA SER B 149 5.81 -3.21 20.67
CA SER B 149 5.69 -3.15 20.81
C SER B 149 4.47 -2.76 20.07
C SER B 149 4.43 -2.66 20.08
N PRO B 150 4.50 -2.37 18.78
CA PRO B 150 3.28 -1.73 18.15
C PRO B 150 2.16 -2.64 17.70
N GLU B 151 2.13 -3.92 18.10
CA GLU B 151 1.19 -4.81 17.43
C GLU B 151 -0.28 -4.45 17.59
N ALA B 152 -0.66 -3.84 18.72
CA ALA B 152 -2.09 -3.53 18.87
C ALA B 152 -2.52 -2.42 17.95
N PHE B 153 -1.60 -1.58 17.51
CA PHE B 153 -2.02 -0.52 16.61
C PHE B 153 -2.43 -1.20 15.29
N PHE B 154 -1.67 -2.23 14.89
CA PHE B 154 -1.99 -2.91 13.64
C PHE B 154 -3.14 -3.90 13.73
N ALA B 155 -3.42 -4.43 14.95
CA ALA B 155 -4.47 -5.46 15.12
C ALA B 155 -5.84 -4.93 14.73
N HIS B 156 -6.02 -3.59 14.72
CA HIS B 156 -7.36 -3.03 14.43
C HIS B 156 -7.48 -2.75 12.93
N CYS B 157 -6.59 -3.29 12.11
CA CYS B 157 -6.62 -3.01 10.66
C CYS B 157 -6.85 -4.30 9.85
N PRO B 158 -8.09 -4.62 9.52
CA PRO B 158 -8.34 -5.74 8.65
C PRO B 158 -7.55 -5.68 7.34
N GLY B 159 -6.99 -6.84 6.97
CA GLY B 159 -6.27 -6.98 5.70
C GLY B 159 -4.75 -7.10 5.81
N ILE B 160 -4.21 -6.88 7.02
CA ILE B 160 -2.80 -7.23 7.25
C ILE B 160 -2.72 -8.34 8.27
N LYS B 161 -1.59 -9.07 8.20
CA LYS B 161 -1.32 -10.09 9.22
C LYS B 161 -0.11 -9.61 10.04
N VAL B 162 -0.11 -9.98 11.34
CA VAL B 162 0.92 -9.48 12.27
C VAL B 162 1.42 -10.70 13.01
N VAL B 163 2.72 -11.00 12.92
CA VAL B 163 3.23 -12.31 13.40
C VAL B 163 4.48 -12.04 14.20
N ILE B 164 4.63 -12.73 15.34
CA ILE B 164 5.74 -12.47 16.25
C ILE B 164 6.22 -13.84 16.77
N PRO B 165 7.48 -14.19 16.52
CA PRO B 165 8.06 -15.47 17.01
C PRO B 165 8.70 -15.35 18.40
N ARG B 166 8.94 -16.51 19.05
CA ARG B 166 9.54 -16.54 20.37
C ARG B 166 10.95 -17.10 20.41
N SER B 167 11.44 -17.56 19.27
CA SER B 167 12.74 -18.29 19.30
C SER B 167 13.30 -18.38 17.88
N PRO B 168 14.55 -18.79 17.71
CA PRO B 168 15.10 -18.97 16.36
C PRO B 168 14.38 -20.00 15.47
N PHE B 169 14.10 -21.22 15.95
CA PHE B 169 13.31 -22.18 15.19
C PHE B 169 11.97 -21.58 14.75
N GLN B 170 11.32 -20.87 15.66
CA GLN B 170 9.99 -20.35 15.35
C GLN B 170 10.13 -19.20 14.39
N ALA B 171 11.16 -18.36 14.58
CA ALA B 171 11.32 -17.23 13.68
C ALA B 171 11.50 -17.62 12.24
N LYS B 172 12.36 -18.62 11.97
CA LYS B 172 12.58 -18.96 10.57
C LYS B 172 11.31 -19.56 9.92
N GLY B 173 10.61 -20.44 10.62
CA GLY B 173 9.45 -21.09 9.98
C GLY B 173 8.30 -20.10 9.86
N LEU B 174 8.14 -19.21 10.82
CA LEU B 174 7.07 -18.17 10.68
C LEU B 174 7.41 -17.08 9.68
N LEU B 175 8.69 -16.71 9.54
CA LEU B 175 9.05 -15.70 8.55
C LEU B 175 8.89 -16.28 7.15
N LEU B 176 9.29 -17.54 6.93
CA LEU B 176 9.10 -18.12 5.60
C LEU B 176 7.59 -18.17 5.30
N SER B 177 6.77 -18.52 6.30
CA SER B 177 5.32 -18.49 6.07
C SER B 177 4.83 -17.08 5.70
N CYS B 178 5.33 -16.04 6.38
CA CYS B 178 4.93 -14.65 6.03
C CYS B 178 5.32 -14.33 4.59
N ILE B 179 6.58 -14.67 4.25
CA ILE B 179 7.04 -14.34 2.92
C ILE B 179 6.19 -14.99 1.83
N GLU B 180 5.80 -16.25 2.03
CA GLU B 180 5.04 -17.00 1.03
C GLU B 180 3.53 -16.78 1.12
N ASP B 181 3.06 -16.18 2.22
CA ASP B 181 1.60 -15.98 2.38
C ASP B 181 1.15 -14.93 1.42
N LYS B 182 -0.08 -15.10 0.89
CA LYS B 182 -0.54 -14.18 -0.16
C LYS B 182 -1.31 -13.01 0.45
N ASN B 183 -0.77 -12.44 1.53
CA ASN B 183 -1.34 -11.24 2.14
C ASN B 183 -0.17 -10.41 2.66
N PRO B 184 -0.30 -9.11 2.76
CA PRO B 184 0.82 -8.33 3.33
C PRO B 184 0.98 -8.65 4.80
N CYS B 185 2.23 -8.95 5.24
CA CYS B 185 2.47 -9.45 6.62
C CYS B 185 3.47 -8.52 7.28
N ILE B 186 3.24 -8.20 8.56
CA ILE B 186 4.31 -7.55 9.40
C ILE B 186 4.85 -8.61 10.32
N PHE B 187 6.18 -8.75 10.33
CA PHE B 187 6.84 -9.81 11.13
C PHE B 187 7.74 -9.07 12.10
N PHE B 188 7.44 -9.15 13.39
CA PHE B 188 8.17 -8.40 14.40
C PHE B 188 9.19 -9.31 15.08
N GLU B 189 10.46 -8.95 15.03
CA GLU B 189 11.53 -9.85 15.46
C GLU B 189 11.95 -9.37 16.85
N PRO B 190 11.76 -10.15 17.93
CA PRO B 190 12.13 -9.62 19.24
C PRO B 190 13.63 -9.38 19.40
N LYS B 191 14.03 -8.11 19.44
CA LYS B 191 15.49 -7.79 19.27
C LYS B 191 16.38 -8.26 20.40
N ILE B 192 15.79 -8.40 21.58
N ILE B 192 15.83 -8.37 21.61
CA ILE B 192 16.56 -8.82 22.76
CA ILE B 192 16.64 -8.86 22.73
C ILE B 192 16.94 -10.31 22.61
C ILE B 192 17.12 -10.27 22.42
N LEU B 193 16.34 -10.99 21.61
CA LEU B 193 16.67 -12.41 21.39
C LEU B 193 17.63 -12.55 20.23
N TYR B 194 17.97 -11.47 19.52
CA TYR B 194 18.82 -11.66 18.33
C TYR B 194 20.11 -12.43 18.60
N ARG B 195 20.80 -12.08 19.72
CA ARG B 195 22.01 -12.78 20.10
C ARG B 195 21.92 -13.48 21.44
N ALA B 196 20.71 -13.73 21.92
CA ALA B 196 20.49 -14.56 23.10
C ALA B 196 20.83 -16.00 22.70
N ALA B 197 20.37 -17.00 23.46
CA ALA B 197 20.78 -18.41 23.21
C ALA B 197 20.43 -18.92 21.80
N ALA B 198 21.29 -19.78 21.29
CA ALA B 198 21.01 -20.38 20.03
C ALA B 198 20.06 -21.56 20.28
N GLU B 199 19.44 -22.05 19.22
CA GLU B 199 18.93 -23.42 19.24
C GLU B 199 19.08 -24.04 17.86
N GLU B 200 18.80 -25.34 17.75
CA GLU B 200 18.93 -25.99 16.47
C GLU B 200 17.87 -25.48 15.48
N VAL B 201 18.29 -25.20 14.25
CA VAL B 201 17.37 -24.65 13.25
C VAL B 201 17.66 -25.35 11.94
N PRO B 202 16.65 -25.93 11.30
CA PRO B 202 16.86 -26.55 10.01
C PRO B 202 17.48 -25.60 8.98
N ILE B 203 18.50 -26.09 8.25
CA ILE B 203 19.17 -25.31 7.22
C ILE B 203 18.33 -25.08 5.98
N GLU B 204 17.50 -26.06 5.63
CA GLU B 204 16.61 -25.92 4.48
C GLU B 204 15.26 -25.35 4.91
N PRO B 205 14.48 -24.87 3.96
CA PRO B 205 13.24 -24.20 4.34
C PRO B 205 12.16 -25.09 4.91
N TYR B 206 11.36 -24.50 5.80
CA TYR B 206 10.22 -25.18 6.43
C TYR B 206 9.29 -24.06 6.82
N ASN B 207 8.02 -24.42 7.03
CA ASN B 207 7.02 -23.42 7.40
C ASN B 207 6.32 -23.75 8.69
N ILE B 208 5.96 -22.74 9.45
CA ILE B 208 5.09 -22.85 10.60
C ILE B 208 3.81 -22.10 10.25
N PRO B 209 2.63 -22.66 10.51
CA PRO B 209 1.45 -22.01 10.04
C PRO B 209 1.16 -20.71 10.73
N LEU B 210 0.63 -19.75 9.97
CA LEU B 210 0.08 -18.53 10.57
C LEU B 210 -1.27 -18.83 11.22
N SER B 211 -1.69 -17.91 12.11
CA SER B 211 -3.02 -17.92 12.76
C SER B 211 -3.19 -19.19 13.56
N GLN B 212 -2.05 -19.70 14.06
CA GLN B 212 -2.05 -20.94 14.89
C GLN B 212 -1.21 -20.70 16.13
N ALA B 213 -1.86 -20.78 17.30
CA ALA B 213 -1.13 -20.69 18.55
C ALA B 213 -0.43 -22.00 18.81
N GLU B 214 0.48 -21.97 19.77
CA GLU B 214 1.13 -23.24 20.17
C GLU B 214 1.02 -23.45 21.65
N VAL B 215 0.44 -24.60 22.07
CA VAL B 215 0.47 -24.89 23.49
C VAL B 215 1.82 -25.52 23.79
N ILE B 216 2.70 -24.80 24.47
CA ILE B 216 4.03 -25.34 24.68
C ILE B 216 4.19 -26.15 25.96
N GLN B 217 3.24 -26.01 26.87
CA GLN B 217 3.18 -26.85 28.09
C GLN B 217 1.74 -27.02 28.46
N GLU B 218 1.31 -28.25 28.64
CA GLU B 218 -0.06 -28.51 29.01
C GLU B 218 -0.27 -28.31 30.50
N GLY B 219 -1.48 -27.90 30.89
CA GLY B 219 -1.79 -27.70 32.29
C GLY B 219 -3.28 -27.63 32.52
N SER B 220 -3.70 -27.74 33.77
CA SER B 220 -5.10 -27.94 34.08
C SER B 220 -5.75 -26.84 34.92
N ASP B 221 -4.96 -25.95 35.54
CA ASP B 221 -5.55 -24.97 36.49
C ASP B 221 -5.75 -23.58 35.94
N VAL B 222 -4.86 -23.19 35.03
CA VAL B 222 -4.83 -21.83 34.49
C VAL B 222 -4.17 -21.80 33.14
N THR B 223 -4.68 -20.93 32.28
CA THR B 223 -4.09 -20.72 30.97
C THR B 223 -3.29 -19.42 30.98
N LEU B 224 -2.05 -19.45 30.46
CA LEU B 224 -1.25 -18.22 30.36
C LEU B 224 -0.96 -18.04 28.89
N VAL B 225 -1.12 -16.80 28.39
CA VAL B 225 -0.95 -16.54 26.95
C VAL B 225 -0.03 -15.37 26.83
N ALA B 226 0.95 -15.51 25.94
CA ALA B 226 1.83 -14.39 25.65
C ALA B 226 2.43 -14.62 24.24
N TRP B 227 3.36 -13.72 23.82
CA TRP B 227 4.02 -13.85 22.52
C TRP B 227 5.35 -13.20 22.63
N GLY B 228 6.23 -13.47 21.68
CA GLY B 228 7.57 -12.87 21.75
C GLY B 228 8.37 -13.32 22.94
N THR B 229 9.24 -12.44 23.45
CA THR B 229 10.06 -12.78 24.63
C THR B 229 9.19 -13.09 25.85
N GLN B 230 8.00 -12.50 25.91
CA GLN B 230 7.15 -12.68 27.07
C GLN B 230 6.70 -14.11 27.23
N VAL B 231 6.77 -14.90 26.16
CA VAL B 231 6.51 -16.35 26.30
C VAL B 231 7.47 -16.99 27.29
N HIS B 232 8.73 -16.57 27.29
CA HIS B 232 9.72 -17.14 28.23
C HIS B 232 9.42 -16.73 29.66
N VAL B 233 8.90 -15.50 29.81
CA VAL B 233 8.51 -15.02 31.12
C VAL B 233 7.38 -15.89 31.65
N ILE B 234 6.35 -16.13 30.84
CA ILE B 234 5.25 -16.96 31.35
C ILE B 234 5.63 -18.40 31.52
N ARG B 235 6.64 -18.87 30.77
CA ARG B 235 7.12 -20.24 31.05
C ARG B 235 7.73 -20.33 32.44
N GLU B 236 8.46 -19.30 32.83
N GLU B 236 8.49 -19.32 32.83
CA GLU B 236 9.06 -19.27 34.14
CA GLU B 236 9.05 -19.31 34.19
C GLU B 236 8.00 -19.07 35.24
C GLU B 236 7.93 -19.17 35.22
N VAL B 237 6.97 -18.29 34.95
CA VAL B 237 5.84 -18.12 35.91
C VAL B 237 5.15 -19.46 36.17
N ALA B 238 5.02 -20.26 35.12
CA ALA B 238 4.43 -21.60 35.25
C ALA B 238 5.23 -22.43 36.23
N SER B 239 6.55 -22.33 36.12
CA SER B 239 7.44 -23.11 36.97
C SER B 239 7.30 -22.62 38.39
N MET B 240 7.23 -21.30 38.57
CA MET B 240 7.11 -20.70 39.92
C MET B 240 5.77 -21.13 40.52
N ALA B 241 4.74 -21.16 39.69
CA ALA B 241 3.39 -21.51 40.16
C ALA B 241 3.30 -22.96 40.60
N LYS B 242 3.97 -23.84 39.87
CA LYS B 242 3.99 -25.27 40.22
C LYS B 242 4.76 -25.47 41.51
N GLU B 243 5.95 -24.89 41.59
CA GLU B 243 6.79 -25.11 42.77
C GLU B 243 6.20 -24.48 44.05
N LYS B 244 5.71 -23.25 43.95
CA LYS B 244 5.30 -22.46 45.14
C LYS B 244 3.84 -22.62 45.49
N LEU B 245 3.01 -22.94 44.52
CA LEU B 245 1.56 -22.98 44.73
C LEU B 245 0.90 -24.32 44.39
N GLY B 246 1.67 -25.22 43.78
CA GLY B 246 1.10 -26.49 43.30
C GLY B 246 0.07 -26.28 42.21
N VAL B 247 0.22 -25.21 41.42
CA VAL B 247 -0.75 -24.84 40.41
C VAL B 247 -0.21 -25.25 39.04
N SER B 248 -1.03 -25.95 38.25
CA SER B 248 -0.68 -26.47 36.94
C SER B 248 -1.07 -25.45 35.86
N CYS B 249 -0.09 -24.91 35.13
CA CYS B 249 -0.38 -23.89 34.12
C CYS B 249 -0.21 -24.43 32.72
N GLU B 250 -1.15 -24.05 31.84
CA GLU B 250 -1.07 -24.30 30.42
C GLU B 250 -0.49 -23.06 29.78
N VAL B 251 0.66 -23.23 29.13
CA VAL B 251 1.42 -22.08 28.58
C VAL B 251 1.25 -22.06 27.05
N ILE B 252 0.77 -20.93 26.54
CA ILE B 252 0.46 -20.81 25.10
C ILE B 252 1.16 -19.65 24.48
N ASP B 253 1.83 -19.90 23.35
CA ASP B 253 2.42 -18.79 22.57
C ASP B 253 1.45 -18.47 21.48
N LEU B 254 0.94 -17.23 21.45
CA LEU B 254 -0.10 -16.91 20.47
C LEU B 254 0.45 -16.90 19.02
N ARG B 255 1.68 -16.44 18.86
CA ARG B 255 2.40 -16.37 17.57
C ARG B 255 1.85 -15.38 16.56
N THR B 256 0.61 -15.59 16.11
CA THR B 256 0.02 -14.61 15.20
C THR B 256 -1.00 -13.74 15.92
N ILE B 257 -0.80 -12.44 15.83
CA ILE B 257 -1.66 -11.47 16.51
C ILE B 257 -2.95 -11.29 15.72
N ILE B 258 -2.89 -11.07 14.40
CA ILE B 258 -4.10 -11.20 13.57
C ILE B 258 -3.77 -11.86 12.27
N PRO B 259 -4.71 -12.63 11.72
CA PRO B 259 -5.89 -13.18 12.40
C PRO B 259 -5.44 -14.15 13.50
N TRP B 260 -6.01 -14.03 14.71
CA TRP B 260 -5.50 -14.85 15.81
C TRP B 260 -6.26 -16.16 16.01
N ASP B 261 -5.59 -17.12 16.68
CA ASP B 261 -6.16 -18.43 16.87
C ASP B 261 -7.10 -18.46 18.07
N VAL B 262 -8.33 -17.96 17.86
CA VAL B 262 -9.36 -17.91 18.89
C VAL B 262 -9.65 -19.32 19.44
N ASP B 263 -9.67 -20.30 18.55
CA ASP B 263 -10.13 -21.63 18.99
C ASP B 263 -9.18 -22.29 19.98
N THR B 264 -7.87 -22.11 19.78
CA THR B 264 -6.93 -22.83 20.66
C THR B 264 -7.01 -22.19 22.02
N ILE B 265 -7.09 -20.86 22.06
CA ILE B 265 -7.15 -20.17 23.36
C ILE B 265 -8.44 -20.54 24.10
N CYS B 266 -9.59 -20.46 23.42
CA CYS B 266 -10.87 -20.84 24.06
C CYS B 266 -10.93 -22.27 24.50
N LYS B 267 -10.36 -23.19 23.73
CA LYS B 267 -10.34 -24.60 24.16
C LYS B 267 -9.57 -24.74 25.48
N SER B 268 -8.47 -23.99 25.60
CA SER B 268 -7.63 -24.10 26.78
C SER B 268 -8.41 -23.58 27.96
N VAL B 269 -9.04 -22.41 27.78
CA VAL B 269 -9.78 -21.80 28.89
C VAL B 269 -11.04 -22.56 29.28
N ILE B 270 -11.70 -23.22 28.33
CA ILE B 270 -12.82 -24.12 28.74
C ILE B 270 -12.28 -25.22 29.67
N LYS B 271 -11.05 -25.68 29.42
CA LYS B 271 -10.48 -26.71 30.32
C LYS B 271 -10.06 -26.14 31.68
N THR B 272 -9.40 -25.00 31.70
CA THR B 272 -8.79 -24.52 32.93
C THR B 272 -9.70 -23.63 33.78
N GLY B 273 -10.53 -22.81 33.11
CA GLY B 273 -11.45 -21.92 33.79
C GLY B 273 -10.84 -20.58 34.21
N ARG B 274 -9.55 -20.42 33.89
N ARG B 274 -9.53 -20.41 33.93
CA ARG B 274 -8.78 -19.22 34.25
CA ARG B 274 -8.79 -19.19 34.29
C ARG B 274 -7.87 -18.81 33.11
C ARG B 274 -7.75 -18.79 33.24
N LEU B 275 -7.70 -17.50 32.96
CA LEU B 275 -6.81 -16.97 31.93
C LEU B 275 -6.05 -15.77 32.41
N LEU B 276 -4.74 -15.80 32.15
CA LEU B 276 -3.89 -14.63 32.33
C LEU B 276 -3.15 -14.33 31.04
N ILE B 277 -3.28 -13.10 30.57
CA ILE B 277 -2.65 -12.67 29.29
C ILE B 277 -1.60 -11.64 29.66
N SER B 278 -0.41 -11.75 29.04
CA SER B 278 0.66 -10.78 29.34
C SER B 278 1.33 -10.30 28.10
N HIS B 279 1.63 -8.99 28.09
CA HIS B 279 2.41 -8.42 27.00
C HIS B 279 3.14 -7.17 27.46
N GLU B 280 4.31 -6.89 26.84
CA GLU B 280 5.11 -5.69 27.16
C GLU B 280 4.39 -4.40 26.78
N ALA B 281 3.54 -4.44 25.74
CA ALA B 281 2.86 -3.21 25.29
C ALA B 281 1.97 -2.68 26.41
N PRO B 282 1.71 -1.37 26.43
CA PRO B 282 0.77 -0.83 27.40
C PRO B 282 -0.57 -1.55 27.51
N LEU B 283 -1.14 -1.55 28.73
CA LEU B 283 -2.47 -2.20 29.01
C LEU B 283 -3.54 -1.61 28.11
N THR B 284 -3.70 -0.28 28.09
CA THR B 284 -4.96 0.28 27.48
C THR B 284 -4.90 0.13 25.96
N GLY B 285 -5.91 -0.54 25.39
CA GLY B 285 -5.91 -0.68 23.90
C GLY B 285 -4.94 -1.74 23.47
N GLY B 286 -4.26 -2.40 24.42
CA GLY B 286 -3.30 -3.47 24.03
C GLY B 286 -4.01 -4.74 23.58
N PHE B 287 -3.28 -5.67 22.95
CA PHE B 287 -4.01 -6.80 22.32
C PHE B 287 -4.61 -7.73 23.35
N ALA B 288 -4.14 -7.68 24.60
CA ALA B 288 -4.78 -8.50 25.64
C ALA B 288 -6.25 -8.17 25.81
N SER B 289 -6.65 -6.94 25.54
N SER B 289 -6.64 -6.95 25.50
CA SER B 289 -8.09 -6.57 25.65
CA SER B 289 -8.05 -6.56 25.63
C SER B 289 -8.94 -7.36 24.66
C SER B 289 -8.94 -7.30 24.64
N GLU B 290 -8.44 -7.53 23.43
CA GLU B 290 -9.21 -8.29 22.39
C GLU B 290 -9.31 -9.75 22.79
N ILE B 291 -8.23 -10.31 23.30
CA ILE B 291 -8.28 -11.75 23.68
C ILE B 291 -9.22 -11.92 24.86
N SER B 292 -9.10 -11.02 25.83
CA SER B 292 -9.92 -11.09 27.04
C SER B 292 -11.39 -10.99 26.70
N SER B 293 -11.74 -9.96 25.94
N SER B 293 -11.74 -9.96 25.95
CA SER B 293 -13.16 -9.77 25.61
CA SER B 293 -13.15 -9.79 25.56
C SER B 293 -13.73 -10.93 24.79
C SER B 293 -13.67 -11.05 24.89
N THR B 294 -12.91 -11.54 23.93
CA THR B 294 -13.36 -12.67 23.13
C THR B 294 -13.52 -13.92 23.97
N VAL B 295 -12.53 -14.19 24.81
CA VAL B 295 -12.63 -15.38 25.66
C VAL B 295 -13.81 -15.25 26.58
N GLN B 296 -14.04 -14.04 27.08
N GLN B 296 -14.02 -14.06 27.09
CA GLN B 296 -15.21 -13.81 27.95
CA GLN B 296 -15.18 -13.83 27.94
C GLN B 296 -16.54 -14.07 27.25
C GLN B 296 -16.49 -14.19 27.21
N GLU B 297 -16.62 -13.74 25.96
CA GLU B 297 -17.83 -14.03 25.19
C GLU B 297 -18.04 -15.57 24.93
N GLU B 298 -16.95 -16.30 24.61
CA GLU B 298 -17.06 -17.69 24.18
C GLU B 298 -17.00 -18.65 25.37
N CYS B 299 -16.39 -18.20 26.47
CA CYS B 299 -16.10 -19.07 27.62
C CYS B 299 -16.72 -18.61 28.94
N PHE B 300 -17.69 -17.72 28.85
CA PHE B 300 -18.29 -17.10 30.03
C PHE B 300 -18.64 -18.07 31.14
N LEU B 301 -19.37 -19.12 30.80
CA LEU B 301 -19.86 -20.07 31.80
C LEU B 301 -18.76 -20.88 32.46
N ASN B 302 -17.54 -20.82 31.91
CA ASN B 302 -16.43 -21.60 32.43
C ASN B 302 -15.51 -20.80 33.32
N LEU B 303 -15.68 -19.47 33.33
CA LEU B 303 -14.73 -18.60 34.00
C LEU B 303 -14.85 -18.65 35.51
N GLU B 304 -13.80 -19.14 36.18
CA GLU B 304 -13.78 -19.24 37.63
C GLU B 304 -13.37 -17.94 38.31
N ALA B 305 -12.70 -17.07 37.57
CA ALA B 305 -12.13 -15.84 38.06
C ALA B 305 -12.08 -14.87 36.89
N PRO B 306 -11.97 -13.57 37.16
CA PRO B 306 -11.81 -12.63 36.07
C PRO B 306 -10.53 -12.86 35.25
N ILE B 307 -10.61 -12.63 33.96
CA ILE B 307 -9.42 -12.73 33.10
C ILE B 307 -8.46 -11.61 33.46
N SER B 308 -7.18 -11.95 33.66
N SER B 308 -7.19 -11.97 33.66
CA SER B 308 -6.19 -10.99 34.15
CA SER B 308 -6.15 -11.02 34.07
C SER B 308 -5.28 -10.57 33.01
C SER B 308 -5.37 -10.54 32.88
N ARG B 309 -4.99 -9.27 32.92
CA ARG B 309 -4.06 -8.75 31.92
C ARG B 309 -2.88 -8.16 32.66
N VAL B 310 -1.66 -8.67 32.39
CA VAL B 310 -0.48 -8.12 33.09
C VAL B 310 0.38 -7.55 32.00
N CYS B 311 0.40 -6.21 31.92
CA CYS B 311 0.92 -5.56 30.76
C CYS B 311 1.86 -4.44 31.18
N GLY B 312 2.54 -3.82 30.20
CA GLY B 312 3.27 -2.58 30.51
C GLY B 312 2.30 -1.51 30.98
N TYR B 313 2.79 -0.54 31.76
CA TYR B 313 1.91 0.54 32.24
C TYR B 313 1.57 1.44 31.06
N ASP B 314 0.58 2.29 31.31
CA ASP B 314 0.14 3.24 30.26
C ASP B 314 0.97 4.53 30.24
N THR B 315 2.23 4.33 29.86
CA THR B 315 3.21 5.41 29.76
C THR B 315 4.04 5.13 28.51
N PRO B 316 4.82 6.10 28.06
CA PRO B 316 5.87 5.80 27.09
C PRO B 316 6.91 4.92 27.73
N PHE B 317 7.78 4.30 26.91
CA PHE B 317 8.63 3.23 27.49
C PHE B 317 9.90 3.92 28.04
N PRO B 318 10.13 3.86 29.36
CA PRO B 318 11.22 4.66 29.94
C PRO B 318 12.62 4.07 29.83
N HIS B 319 13.63 4.96 29.81
CA HIS B 319 15.01 4.54 29.92
C HIS B 319 15.36 3.96 31.29
N ILE B 320 15.60 4.82 32.29
CA ILE B 320 16.22 4.29 33.50
C ILE B 320 15.25 3.43 34.32
N PHE B 321 13.94 3.63 34.10
CA PHE B 321 12.94 2.85 34.87
C PHE B 321 12.54 1.56 34.23
N GLU B 322 13.22 1.10 33.18
CA GLU B 322 12.72 -0.14 32.54
C GLU B 322 12.50 -1.29 33.51
N PRO B 323 13.42 -1.56 34.47
CA PRO B 323 13.21 -2.69 35.37
C PRO B 323 11.86 -2.62 36.12
N PHE B 324 11.31 -1.42 36.31
CA PHE B 324 10.07 -1.28 37.08
C PHE B 324 8.88 -1.23 36.15
N TYR B 325 9.11 -1.08 34.83
CA TYR B 325 8.01 -0.90 33.87
C TYR B 325 7.48 -2.25 33.32
N ILE B 326 8.40 -3.17 33.02
CA ILE B 326 8.06 -4.40 32.32
C ILE B 326 7.20 -5.38 33.14
N PRO B 327 6.31 -6.09 32.48
CA PRO B 327 5.48 -7.10 33.18
C PRO B 327 6.25 -8.35 33.44
N ASP B 328 7.15 -8.27 34.41
CA ASP B 328 8.10 -9.31 34.64
C ASP B 328 7.51 -10.53 35.35
N LYS B 329 8.33 -11.52 35.63
CA LYS B 329 7.78 -12.75 36.16
C LYS B 329 7.16 -12.59 37.52
N TRP B 330 7.63 -11.65 38.33
CA TRP B 330 7.05 -11.41 39.63
C TRP B 330 5.69 -10.72 39.53
N LYS B 331 5.54 -9.82 38.56
CA LYS B 331 4.26 -9.16 38.33
C LYS B 331 3.24 -10.14 37.86
N CYS B 332 3.66 -11.01 36.95
CA CYS B 332 2.79 -12.06 36.41
C CYS B 332 2.48 -13.08 37.46
N TYR B 333 3.49 -13.46 38.26
CA TYR B 333 3.26 -14.45 39.33
C TYR B 333 2.28 -13.90 40.37
N ASP B 334 2.44 -12.63 40.75
CA ASP B 334 1.57 -12.07 41.80
C ASP B 334 0.11 -12.00 41.32
N ALA B 335 -0.07 -11.67 40.06
CA ALA B 335 -1.40 -11.61 39.48
C ALA B 335 -2.01 -12.99 39.43
N LEU B 336 -1.19 -13.98 39.09
CA LEU B 336 -1.64 -15.35 39.01
C LEU B 336 -2.07 -15.83 40.39
N ARG B 337 -1.27 -15.48 41.39
CA ARG B 337 -1.56 -15.88 42.77
C ARG B 337 -2.91 -15.32 43.22
N LYS B 338 -3.17 -14.06 42.93
CA LYS B 338 -4.45 -13.45 43.30
C LYS B 338 -5.62 -14.11 42.56
N MET B 339 -5.40 -14.48 41.30
CA MET B 339 -6.45 -15.05 40.48
C MET B 339 -6.82 -16.44 40.99
N ILE B 340 -5.79 -17.22 41.34
CA ILE B 340 -5.97 -18.57 41.87
C ILE B 340 -6.77 -18.48 43.17
N ASN B 341 -6.59 -17.38 43.91
CA ASN B 341 -7.28 -17.17 45.19
C ASN B 341 -8.58 -16.39 45.13
N TYR B 342 -9.05 -16.08 43.92
CA TYR B 342 -10.15 -15.12 43.73
C TYR B 342 -11.40 -15.42 44.53
K K C . -4.04 7.57 -4.11
MN MN D . -4.57 21.06 -8.68
N1' TZD E . -5.72 14.47 2.12
C2' TZD E . -5.44 13.24 1.62
C2A TZD E . -4.27 12.44 2.16
N3' TZD E . -6.19 12.75 0.65
C4' TZD E . -7.27 13.45 0.17
N4' TZD E . -7.99 12.80 -0.77
C5' TZD E . -7.60 14.74 0.67
C6' TZD E . -6.74 15.22 1.66
C35 TZD E . -8.79 15.62 0.22
N3 TZD E . -8.65 16.01 -1.20
C2 TZD E . -9.25 15.37 -2.22
OC2 TZD E . -9.92 14.35 -2.14
S1 TZD E . -8.87 16.07 -3.75
C5 TZD E . -7.93 17.32 -3.01
C4 TZD E . -7.94 17.13 -1.62
C4A TZD E . -7.31 18.03 -0.58
C5A TZD E . -7.25 18.38 -3.83
C5B TZD E . -6.19 17.72 -4.73
O5G TZD E . -5.57 18.75 -5.49
P1 TZD E . -4.60 18.41 -6.68
O11 TZD E . -5.56 17.84 -7.82
O12 TZD E . -3.95 19.68 -7.12
O13 TZD E . -3.76 17.27 -6.29
P2 TZD E . -6.79 18.53 -8.66
O21 TZD E . -8.06 18.36 -7.80
O22 TZD E . -6.42 20.00 -8.82
O23 TZD E . -6.91 17.88 -9.98
K K F . 3.30 -11.85 2.33
C1 GOL G . -13.42 -12.35 17.72
O1 GOL G . -13.89 -11.67 18.87
C2 GOL G . -12.27 -11.48 17.17
O2 GOL G . -11.28 -11.27 18.17
C3 GOL G . -11.58 -12.05 15.96
O3 GOL G . -10.50 -11.23 15.51
#